data_5S9U
#
_entry.id   5S9U
#
_cell.length_a   79.960
_cell.length_b   108.510
_cell.length_c   111.680
_cell.angle_alpha   90.000
_cell.angle_beta   90.000
_cell.angle_gamma   90.000
#
_symmetry.space_group_name_H-M   'P 21 21 21'
#
loop_
_entity.id
_entity.type
_entity.pdbx_description
1 polymer 'N(1),N(8)-bis(glutathionyl)spermidine reductase'
2 non-polymer 'FLAVIN-ADENINE DINUCLEOTIDE'
3 non-polymer 'DIMETHYL SULFOXIDE'
4 non-polymer [4-(cyclopropanecarbonyl)piperazin-1-yl](furan-2-yl)methanone
5 non-polymer 'MAGNESIUM ION'
6 non-polymer 'BROMIDE ION'
7 water water
#
_entity_poly.entity_id   1
_entity_poly.type   'polypeptide(L)'
_entity_poly.pdbx_seq_one_letter_code
;GSHMSKAFDLVVIGAGSGGLEAGWNAATLYGKRVAVVDVQTSHGPPFYAALGGTCVNVGCVPKKLMVTGAQYMDHLRESA
GFGWEFDGSSVKANWKKLIAAKNEAVLDINKSYEGMFNDTEGLDFFLGWGSLESKNVVVVRETADPKSAVKERLQADHIL
LATGSWPQMPAIPGIEHCISSNEAFYLPEPPRRVLTVGGGFISVEFAGIFNAYKPPGGKVTLCYRNNLILRGFDETIREE
VTKQLTANGIEIMTNENPAKVSLNTDGSKHVTFESGKTLDVDVVMMAIGRIPRTNDLQLGNVGVKLTPKGGVQVDEFSRT
NVPNIYAIGDITDRLMLTPVAINEGAALVDTVFGNKPRKTDHTRVASAVFSIPPIGTCGLIEEVAAKEFEKVAVYMSSFT
PLMHNISGSKYKKFVAKIVTNHSDGTVLGVHLLGDGAPEIIQAVGVCLRLNAKISDFYNTIGVHPTSAEELCSMRTPSYY
YVKGEKMEKLPDSNL
;
_entity_poly.pdbx_strand_id   A,B
#
# COMPACT_ATOMS: atom_id res chain seq x y z
N LYS A 6 -27.47 -0.99 38.31
CA LYS A 6 -26.19 -1.40 38.96
C LYS A 6 -25.86 -2.85 38.63
N ALA A 7 -26.68 -3.50 37.80
CA ALA A 7 -26.57 -4.93 37.43
C ALA A 7 -26.21 -5.05 35.95
N PHE A 8 -25.09 -5.74 35.65
CA PHE A 8 -24.56 -5.91 34.27
C PHE A 8 -24.18 -7.37 34.01
N ASP A 9 -24.42 -7.84 32.78
CA ASP A 9 -23.85 -9.13 32.31
C ASP A 9 -22.31 -8.95 32.29
N LEU A 10 -21.82 -7.86 31.70
CA LEU A 10 -20.36 -7.56 31.55
C LEU A 10 -20.03 -6.15 32.05
N VAL A 11 -19.04 -6.04 32.94
CA VAL A 11 -18.35 -4.78 33.32
C VAL A 11 -16.90 -4.80 32.78
N VAL A 12 -16.58 -3.79 32.00
CA VAL A 12 -15.26 -3.59 31.35
C VAL A 12 -14.58 -2.43 32.03
N ILE A 13 -13.39 -2.65 32.57
CA ILE A 13 -12.53 -1.57 33.09
C ILE A 13 -11.49 -1.20 32.03
N GLY A 14 -11.72 -0.05 31.40
CA GLY A 14 -10.91 0.53 30.33
C GLY A 14 -11.68 0.56 29.05
N ALA A 15 -12.08 1.75 28.61
CA ALA A 15 -12.88 2.00 27.40
C ALA A 15 -11.90 2.19 26.24
N GLY A 16 -10.99 1.22 26.06
CA GLY A 16 -9.92 1.28 25.05
C GLY A 16 -10.14 0.29 23.92
N SER A 17 -9.07 0.00 23.17
CA SER A 17 -9.18 -0.78 21.93
C SER A 17 -9.94 -2.09 22.23
N GLY A 18 -9.46 -2.87 23.19
CA GLY A 18 -10.02 -4.19 23.55
C GLY A 18 -11.34 -4.02 24.30
N GLY A 19 -11.40 -3.08 25.25
CA GLY A 19 -12.57 -2.92 26.12
C GLY A 19 -13.81 -2.54 25.33
N LEU A 20 -13.69 -1.60 24.40
CA LEU A 20 -14.84 -1.14 23.57
C LEU A 20 -15.27 -2.21 22.57
N GLU A 21 -14.31 -2.93 21.96
CA GLU A 21 -14.68 -4.02 21.03
C GLU A 21 -15.53 -5.03 21.80
N ALA A 22 -15.09 -5.43 22.97
CA ALA A 22 -15.80 -6.43 23.80
C ALA A 22 -17.17 -5.84 24.22
N GLY A 23 -17.15 -4.59 24.67
CA GLY A 23 -18.35 -3.87 25.13
C GLY A 23 -19.42 -3.80 24.06
N TRP A 24 -19.07 -3.25 22.89
N TRP A 24 -19.09 -3.20 22.91
CA TRP A 24 -19.99 -2.97 21.75
CA TRP A 24 -20.03 -2.99 21.78
C TRP A 24 -20.48 -4.27 21.10
C TRP A 24 -20.53 -4.35 21.28
N ASN A 25 -19.62 -5.30 21.06
CA ASN A 25 -19.96 -6.62 20.49
C ASN A 25 -20.97 -7.30 21.41
N ALA A 26 -20.69 -7.29 22.69
CA ALA A 26 -21.53 -7.98 23.67
C ALA A 26 -22.96 -7.40 23.55
N ALA A 27 -23.07 -6.08 23.41
CA ALA A 27 -24.36 -5.36 23.36
C ALA A 27 -25.06 -5.54 22.03
N THR A 28 -24.39 -5.31 20.91
CA THR A 28 -25.05 -5.26 19.58
C THR A 28 -25.28 -6.68 19.06
N LEU A 29 -24.37 -7.62 19.34
CA LEU A 29 -24.41 -9.00 18.74
C LEU A 29 -25.28 -9.93 19.60
N TYR A 30 -25.19 -9.80 20.92
CA TYR A 30 -25.75 -10.75 21.92
C TYR A 30 -26.72 -10.05 22.90
N GLY A 31 -27.15 -8.82 22.57
CA GLY A 31 -28.10 -8.04 23.39
C GLY A 31 -27.77 -8.13 24.87
N LYS A 32 -26.48 -8.19 25.22
CA LYS A 32 -26.03 -8.22 26.63
C LYS A 32 -26.06 -6.79 27.23
N ARG A 33 -25.97 -6.71 28.55
CA ARG A 33 -26.07 -5.43 29.30
C ARG A 33 -24.68 -5.08 29.80
N VAL A 34 -24.09 -4.02 29.27
CA VAL A 34 -22.62 -3.77 29.44
C VAL A 34 -22.39 -2.41 30.11
N ALA A 35 -21.55 -2.44 31.16
CA ALA A 35 -20.89 -1.29 31.82
C ALA A 35 -19.44 -1.14 31.35
N VAL A 36 -19.06 0.04 30.85
CA VAL A 36 -17.62 0.33 30.59
C VAL A 36 -17.15 1.52 31.42
N VAL A 37 -16.07 1.35 32.17
CA VAL A 37 -15.42 2.35 33.07
C VAL A 37 -14.19 2.96 32.34
N ASP A 38 -14.02 4.28 32.37
CA ASP A 38 -12.71 4.93 32.09
C ASP A 38 -12.56 6.18 32.96
N VAL A 39 -11.35 6.69 33.03
CA VAL A 39 -10.98 7.80 33.95
C VAL A 39 -11.26 9.16 33.30
N GLN A 40 -11.47 9.20 31.99
CA GLN A 40 -11.57 10.48 31.24
C GLN A 40 -12.43 10.31 29.99
N THR A 41 -13.18 11.35 29.57
CA THR A 41 -14.10 11.25 28.41
C THR A 41 -13.42 11.73 27.12
N SER A 42 -12.32 12.47 27.21
CA SER A 42 -11.61 12.99 26.02
C SER A 42 -10.13 13.09 26.35
N HIS A 43 -9.34 13.27 25.32
CA HIS A 43 -7.88 13.13 25.31
C HIS A 43 -7.19 14.17 26.19
N GLY A 44 -6.04 13.78 26.72
CA GLY A 44 -4.98 14.72 27.13
C GLY A 44 -4.87 14.80 28.64
N PRO A 45 -4.08 15.77 29.15
CA PRO A 45 -3.79 15.82 30.58
C PRO A 45 -5.11 15.97 31.32
N PRO A 46 -5.23 15.46 32.57
CA PRO A 46 -4.12 14.81 33.26
C PRO A 46 -3.80 13.32 33.01
N PHE A 47 -4.76 12.51 32.51
CA PHE A 47 -4.64 11.02 32.47
C PHE A 47 -4.33 10.49 31.06
N TYR A 48 -4.37 11.36 30.04
CA TYR A 48 -3.86 11.20 28.66
C TYR A 48 -4.76 10.27 27.85
N ALA A 49 -4.80 8.99 28.23
CA ALA A 49 -5.76 8.03 27.69
C ALA A 49 -7.15 8.36 28.26
N ALA A 50 -8.17 8.04 27.50
CA ALA A 50 -9.55 8.43 27.78
C ALA A 50 -10.44 7.45 27.02
N LEU A 51 -11.74 7.63 27.13
CA LEU A 51 -12.72 7.03 26.19
C LEU A 51 -12.07 6.88 24.80
N GLY A 52 -11.99 5.64 24.29
CA GLY A 52 -11.35 5.30 23.00
C GLY A 52 -10.05 4.55 23.23
N GLY A 53 -9.36 4.84 24.34
CA GLY A 53 -8.11 4.19 24.79
C GLY A 53 -6.85 4.93 24.37
N THR A 54 -5.71 4.26 24.57
CA THR A 54 -4.36 4.79 24.32
C THR A 54 -4.24 5.07 22.84
N CYS A 55 -4.66 4.12 22.00
CA CYS A 55 -4.48 4.24 20.55
C CYS A 55 -5.14 5.55 20.07
N VAL A 56 -6.41 5.74 20.42
CA VAL A 56 -7.24 6.89 19.94
C VAL A 56 -6.62 8.19 20.45
N ASN A 57 -6.28 8.22 21.74
CA ASN A 57 -6.00 9.48 22.47
C ASN A 57 -4.52 9.86 22.36
N VAL A 58 -3.61 8.94 22.66
CA VAL A 58 -2.15 9.22 22.75
C VAL A 58 -1.34 8.05 22.15
N GLY A 59 -1.77 7.56 20.97
CA GLY A 59 -1.25 6.32 20.39
C GLY A 59 -1.37 6.32 18.88
N CYS A 60 -1.80 5.20 18.30
CA CYS A 60 -1.73 4.96 16.82
C CYS A 60 -2.31 6.16 16.07
N VAL A 61 -3.45 6.66 16.50
CA VAL A 61 -4.25 7.65 15.72
C VAL A 61 -3.52 8.99 15.65
N PRO A 62 -3.23 9.68 16.76
CA PRO A 62 -2.49 10.94 16.68
C PRO A 62 -1.08 10.74 16.12
N LYS A 63 -0.37 9.66 16.48
CA LYS A 63 0.99 9.34 15.97
C LYS A 63 0.93 9.33 14.43
N LYS A 64 -0.03 8.63 13.86
CA LYS A 64 -0.11 8.46 12.40
C LYS A 64 -0.38 9.81 11.72
N LEU A 65 -1.25 10.63 12.30
CA LEU A 65 -1.50 12.01 11.78
C LEU A 65 -0.19 12.80 11.80
N MET A 66 0.61 12.62 12.84
CA MET A 66 1.83 13.42 13.03
C MET A 66 2.95 12.91 12.13
N VAL A 67 3.08 11.59 11.98
CA VAL A 67 4.02 11.01 10.99
C VAL A 67 3.60 11.48 9.59
N THR A 68 2.32 11.44 9.26
CA THR A 68 1.84 11.94 7.94
C THR A 68 2.30 13.40 7.79
N GLY A 69 2.11 14.23 8.82
CA GLY A 69 2.57 15.62 8.78
C GLY A 69 4.05 15.64 8.51
N ALA A 70 4.81 14.83 9.23
CA ALA A 70 6.27 14.79 9.12
C ALA A 70 6.69 14.37 7.71
N GLN A 71 5.90 13.53 7.04
CA GLN A 71 6.24 13.04 5.69
C GLN A 71 6.33 14.23 4.72
N TYR A 72 5.61 15.33 4.93
CA TYR A 72 5.65 16.46 3.97
C TYR A 72 7.03 17.07 3.87
N MET A 73 7.89 16.94 4.89
CA MET A 73 9.28 17.41 4.74
C MET A 73 9.94 16.70 3.56
N ASP A 74 9.73 15.39 3.47
CA ASP A 74 10.31 14.58 2.38
C ASP A 74 9.57 14.95 1.08
N HIS A 75 8.25 14.99 1.08
CA HIS A 75 7.48 15.26 -0.17
C HIS A 75 7.89 16.62 -0.76
N LEU A 76 8.00 17.65 0.08
CA LEU A 76 8.30 19.02 -0.40
C LEU A 76 9.65 18.99 -1.11
N ARG A 77 10.64 18.29 -0.54
CA ARG A 77 12.00 18.20 -1.13
C ARG A 77 11.93 17.37 -2.42
N GLU A 78 11.28 16.21 -2.32
CA GLU A 78 11.23 15.19 -3.38
C GLU A 78 10.46 15.71 -4.59
N SER A 79 9.55 16.63 -4.38
CA SER A 79 8.75 17.22 -5.48
C SER A 79 9.68 17.80 -6.53
N ALA A 80 10.85 18.32 -6.15
CA ALA A 80 11.75 19.07 -7.08
C ALA A 80 12.16 18.15 -8.22
N GLY A 81 12.47 16.88 -7.94
CA GLY A 81 12.88 15.90 -8.95
C GLY A 81 11.82 15.74 -10.03
N PHE A 82 10.56 16.03 -9.72
CA PHE A 82 9.41 15.83 -10.64
C PHE A 82 9.02 17.17 -11.26
N GLY A 83 9.85 18.20 -11.02
CA GLY A 83 9.68 19.53 -11.64
C GLY A 83 8.94 20.55 -10.80
N TRP A 84 8.59 20.26 -9.55
CA TRP A 84 7.90 21.22 -8.67
C TRP A 84 8.93 22.27 -8.20
N GLU A 85 8.53 23.52 -8.33
CA GLU A 85 9.42 24.66 -8.03
C GLU A 85 8.67 25.55 -7.06
N PHE A 86 9.36 25.99 -6.02
CA PHE A 86 8.83 26.99 -5.08
C PHE A 86 9.99 27.56 -4.29
N ASP A 87 9.68 28.60 -3.54
CA ASP A 87 10.66 29.26 -2.67
C ASP A 87 10.92 28.36 -1.45
N GLY A 88 12.00 27.57 -1.50
CA GLY A 88 12.38 26.65 -0.43
C GLY A 88 12.67 27.42 0.84
N SER A 89 13.16 28.67 0.73
CA SER A 89 13.49 29.51 1.90
C SER A 89 12.22 29.93 2.66
N SER A 90 11.04 29.84 2.05
CA SER A 90 9.73 30.22 2.66
C SER A 90 9.13 29.04 3.47
N VAL A 91 9.72 27.86 3.42
CA VAL A 91 9.09 26.65 4.00
C VAL A 91 9.22 26.74 5.51
N LYS A 92 8.12 26.60 6.22
CA LYS A 92 8.11 26.49 7.71
C LYS A 92 7.19 25.33 8.07
N ALA A 93 7.55 24.60 9.12
CA ALA A 93 6.71 23.53 9.68
C ALA A 93 6.04 24.07 10.95
N ASN A 94 4.74 24.31 10.86
CA ASN A 94 3.96 24.88 11.98
C ASN A 94 3.42 23.74 12.84
N TRP A 95 4.21 23.38 13.83
CA TRP A 95 3.91 22.34 14.84
C TRP A 95 2.62 22.71 15.57
N LYS A 96 2.46 23.97 15.92
CA LYS A 96 1.26 24.38 16.69
C LYS A 96 -0.01 24.06 15.89
N LYS A 97 0.02 24.33 14.58
N LYS A 97 0.01 24.31 14.58
CA LYS A 97 -1.09 23.97 13.65
CA LYS A 97 -1.15 23.96 13.72
C LYS A 97 -1.32 22.46 13.73
C LYS A 97 -1.33 22.43 13.72
N LEU A 98 -0.24 21.68 13.60
CA LEU A 98 -0.33 20.18 13.58
C LEU A 98 -1.03 19.70 14.84
N ILE A 99 -0.57 20.17 15.99
CA ILE A 99 -1.12 19.72 17.29
C ILE A 99 -2.59 20.14 17.42
N ALA A 100 -2.97 21.36 17.00
CA ALA A 100 -4.38 21.82 17.04
C ALA A 100 -5.23 20.91 16.16
N ALA A 101 -4.75 20.59 14.96
CA ALA A 101 -5.47 19.70 14.01
C ALA A 101 -5.60 18.30 14.62
N LYS A 102 -4.50 17.73 15.09
CA LYS A 102 -4.54 16.41 15.77
C LYS A 102 -5.56 16.45 16.91
N ASN A 103 -5.55 17.50 17.75
CA ASN A 103 -6.44 17.59 18.93
C ASN A 103 -7.91 17.55 18.47
N GLU A 104 -8.23 18.32 17.43
CA GLU A 104 -9.61 18.38 16.92
C GLU A 104 -9.98 16.97 16.42
N ALA A 105 -9.08 16.29 15.72
CA ALA A 105 -9.36 14.96 15.12
C ALA A 105 -9.61 13.95 16.24
N VAL A 106 -8.77 13.95 17.27
CA VAL A 106 -8.92 13.03 18.41
C VAL A 106 -10.21 13.37 19.17
N LEU A 107 -10.47 14.65 19.45
CA LEU A 107 -11.74 15.01 20.16
C LEU A 107 -12.97 14.49 19.42
N ASP A 108 -13.00 14.64 18.11
CA ASP A 108 -14.13 14.16 17.26
C ASP A 108 -14.29 12.64 17.45
N ILE A 109 -13.18 11.90 17.54
CA ILE A 109 -13.27 10.44 17.84
C ILE A 109 -13.79 10.25 19.27
N ASN A 110 -13.32 11.02 20.24
CA ASN A 110 -13.84 10.89 21.62
C ASN A 110 -15.35 11.07 21.59
N LYS A 111 -15.81 12.06 20.82
CA LYS A 111 -17.26 12.42 20.77
C LYS A 111 -17.96 11.29 20.03
N SER A 112 -17.33 10.74 18.99
CA SER A 112 -17.84 9.56 18.24
C SER A 112 -18.17 8.45 19.23
N TYR A 113 -17.28 8.11 20.17
CA TYR A 113 -17.48 7.00 21.14
C TYR A 113 -18.54 7.37 22.18
N GLU A 114 -18.66 8.65 22.47
CA GLU A 114 -19.75 9.09 23.37
C GLU A 114 -21.07 8.83 22.63
N GLY A 115 -21.16 9.19 21.35
CA GLY A 115 -22.34 8.94 20.49
C GLY A 115 -22.68 7.44 20.52
N MET A 116 -21.71 6.61 20.11
CA MET A 116 -21.81 5.13 20.15
C MET A 116 -22.46 4.67 21.46
N PHE A 117 -21.99 5.13 22.63
CA PHE A 117 -22.43 4.70 23.98
C PHE A 117 -23.84 5.19 24.33
N ASN A 118 -24.30 6.24 23.64
CA ASN A 118 -25.64 6.84 23.85
C ASN A 118 -26.62 6.09 22.94
N ASP A 119 -26.30 6.07 21.64
CA ASP A 119 -27.08 5.46 20.55
C ASP A 119 -27.13 3.94 20.65
N THR A 120 -26.70 3.34 21.78
CA THR A 120 -26.63 1.86 21.95
C THR A 120 -27.26 1.45 23.29
N GLU A 121 -28.23 0.54 23.22
CA GLU A 121 -28.99 0.02 24.38
C GLU A 121 -28.13 -0.98 25.16
N GLY A 122 -28.11 -0.89 26.49
CA GLY A 122 -27.39 -1.79 27.40
C GLY A 122 -25.99 -1.26 27.71
N LEU A 123 -25.27 -0.92 26.65
CA LEU A 123 -23.92 -0.28 26.66
C LEU A 123 -23.98 1.07 27.40
N ASP A 124 -23.53 1.13 28.65
CA ASP A 124 -23.45 2.43 29.40
C ASP A 124 -22.02 2.66 29.94
N PHE A 125 -21.52 3.89 29.75
CA PHE A 125 -20.21 4.40 30.22
C PHE A 125 -20.32 4.96 31.64
N PHE A 126 -19.35 4.62 32.50
CA PHE A 126 -19.15 5.17 33.86
C PHE A 126 -17.75 5.83 33.91
N LEU A 127 -17.69 7.05 34.47
CA LEU A 127 -16.45 7.86 34.62
C LEU A 127 -15.84 7.63 35.99
N GLY A 128 -14.53 7.43 36.03
CA GLY A 128 -13.80 7.20 37.27
C GLY A 128 -12.93 5.98 37.16
N TRP A 129 -12.38 5.59 38.30
CA TRP A 129 -11.34 4.56 38.44
C TRP A 129 -11.97 3.24 38.88
N GLY A 130 -12.00 2.27 37.96
CA GLY A 130 -12.37 0.88 38.26
C GLY A 130 -11.31 0.16 39.08
N SER A 131 -11.76 -0.58 40.08
CA SER A 131 -10.96 -1.59 40.83
C SER A 131 -11.89 -2.77 41.19
N LEU A 132 -11.31 -3.91 41.59
CA LEU A 132 -12.05 -5.12 42.03
C LEU A 132 -12.28 -5.05 43.54
N GLU A 133 -13.53 -4.83 43.94
CA GLU A 133 -14.02 -5.05 45.33
C GLU A 133 -13.94 -6.55 45.66
N SER A 134 -14.59 -7.35 44.79
CA SER A 134 -14.78 -8.82 44.92
C SER A 134 -15.01 -9.45 43.54
N LYS A 135 -15.03 -10.80 43.51
CA LYS A 135 -15.29 -11.67 42.32
C LYS A 135 -16.25 -11.01 41.33
N ASN A 136 -17.37 -10.43 41.81
CA ASN A 136 -18.51 -10.04 40.94
C ASN A 136 -18.93 -8.59 41.18
N VAL A 137 -18.05 -7.79 41.78
CA VAL A 137 -18.30 -6.34 41.99
C VAL A 137 -17.07 -5.50 41.60
N VAL A 138 -17.29 -4.57 40.68
CA VAL A 138 -16.32 -3.49 40.33
C VAL A 138 -16.79 -2.22 41.04
N VAL A 139 -15.89 -1.57 41.77
CA VAL A 139 -16.17 -0.25 42.39
C VAL A 139 -15.49 0.83 41.51
N VAL A 140 -16.25 1.86 41.12
CA VAL A 140 -15.74 3.08 40.42
C VAL A 140 -15.54 4.17 41.48
N ARG A 141 -14.32 4.66 41.63
CA ARG A 141 -13.96 5.71 42.62
C ARG A 141 -13.59 7.01 41.90
N GLU A 142 -13.38 8.09 42.66
CA GLU A 142 -13.15 9.46 42.12
C GLU A 142 -11.71 9.54 41.62
N THR A 143 -10.79 8.85 42.29
CA THR A 143 -9.34 8.85 41.94
C THR A 143 -8.79 7.42 41.98
N ALA A 144 -7.50 7.29 41.65
CA ALA A 144 -6.71 6.05 41.62
C ALA A 144 -6.35 5.64 43.04
N ASP A 145 -6.46 6.57 43.99
CA ASP A 145 -6.34 6.22 45.42
C ASP A 145 -7.54 5.34 45.80
N PRO A 146 -7.31 4.10 46.29
CA PRO A 146 -8.41 3.21 46.69
C PRO A 146 -9.31 3.78 47.81
N LYS A 147 -8.78 4.74 48.58
CA LYS A 147 -9.46 5.39 49.73
C LYS A 147 -10.45 6.45 49.25
N SER A 148 -10.43 6.84 47.96
CA SER A 148 -11.25 7.97 47.46
C SER A 148 -12.72 7.53 47.37
N ALA A 149 -13.63 8.46 47.08
CA ALA A 149 -15.10 8.26 47.16
C ALA A 149 -15.59 7.25 46.11
N VAL A 150 -16.53 6.39 46.47
CA VAL A 150 -17.24 5.50 45.50
C VAL A 150 -18.23 6.34 44.70
N LYS A 151 -18.17 6.29 43.38
CA LYS A 151 -19.17 6.94 42.50
C LYS A 151 -20.25 5.91 42.12
N GLU A 152 -19.84 4.64 41.95
CA GLU A 152 -20.75 3.53 41.58
C GLU A 152 -20.18 2.20 42.08
N ARG A 153 -21.09 1.26 42.33
CA ARG A 153 -20.81 -0.15 42.69
C ARG A 153 -21.52 -1.01 41.63
N LEU A 154 -20.73 -1.68 40.78
CA LEU A 154 -21.25 -2.38 39.58
C LEU A 154 -21.28 -3.89 39.85
N GLN A 155 -22.46 -4.49 39.66
CA GLN A 155 -22.67 -5.96 39.73
C GLN A 155 -22.39 -6.52 38.34
N ALA A 156 -21.60 -7.60 38.34
CA ALA A 156 -20.78 -8.14 37.24
C ALA A 156 -20.87 -9.67 37.21
N ASP A 157 -21.69 -10.22 36.31
CA ASP A 157 -21.68 -11.68 35.99
C ASP A 157 -20.31 -12.02 35.39
N HIS A 158 -19.75 -11.08 34.61
CA HIS A 158 -18.40 -11.18 34.00
C HIS A 158 -17.67 -9.84 34.07
N ILE A 159 -16.38 -9.89 34.38
CA ILE A 159 -15.47 -8.71 34.47
C ILE A 159 -14.33 -8.85 33.43
N LEU A 160 -14.13 -7.80 32.64
CA LEU A 160 -13.01 -7.69 31.67
C LEU A 160 -12.07 -6.58 32.14
N LEU A 161 -10.84 -6.95 32.46
CA LEU A 161 -9.69 -6.03 32.67
C LEU A 161 -9.08 -5.67 31.31
N ALA A 162 -9.11 -4.39 30.95
CA ALA A 162 -8.62 -3.87 29.66
C ALA A 162 -8.05 -2.47 29.88
N THR A 163 -7.15 -2.34 30.83
CA THR A 163 -6.67 -1.03 31.36
C THR A 163 -5.41 -0.60 30.61
N GLY A 164 -4.91 -1.45 29.72
CA GLY A 164 -3.77 -1.15 28.84
C GLY A 164 -2.47 -0.98 29.61
N SER A 165 -1.59 -0.12 29.10
CA SER A 165 -0.19 0.04 29.54
C SER A 165 0.12 1.52 29.81
N TRP A 166 1.33 1.80 30.21
CA TRP A 166 1.71 3.16 30.63
C TRP A 166 3.20 3.26 30.40
N PRO A 167 3.74 4.45 30.08
CA PRO A 167 5.16 4.55 29.79
C PRO A 167 5.97 4.24 31.03
N GLN A 168 7.06 3.51 30.85
CA GLN A 168 8.04 3.29 31.92
C GLN A 168 9.06 4.43 31.87
N MET A 169 9.33 5.05 33.01
CA MET A 169 10.33 6.14 33.11
C MET A 169 11.47 5.63 33.98
N PRO A 170 12.70 5.53 33.43
CA PRO A 170 13.83 5.01 34.19
C PRO A 170 14.12 5.91 35.40
N ALA A 171 14.41 5.30 36.55
CA ALA A 171 14.51 5.98 37.85
C ALA A 171 15.92 6.59 37.95
N ILE A 172 16.22 7.52 37.06
CA ILE A 172 17.54 8.22 37.00
C ILE A 172 17.38 9.60 37.60
N PRO A 173 18.47 10.19 38.14
CA PRO A 173 18.44 11.57 38.61
C PRO A 173 18.03 12.52 37.47
N GLY A 174 16.99 13.34 37.68
CA GLY A 174 16.48 14.31 36.67
C GLY A 174 15.44 13.71 35.74
N ILE A 175 14.87 12.56 36.08
CA ILE A 175 13.81 11.92 35.25
C ILE A 175 12.62 12.90 35.16
N GLU A 176 12.45 13.76 36.17
CA GLU A 176 11.33 14.73 36.20
C GLU A 176 11.48 15.81 35.10
N HIS A 177 12.64 15.95 34.47
CA HIS A 177 12.92 16.93 33.39
C HIS A 177 12.53 16.30 32.04
N CYS A 178 12.23 15.01 32.07
CA CYS A 178 11.99 14.16 30.88
C CYS A 178 10.49 14.02 30.64
N ILE A 179 10.12 13.73 29.41
CA ILE A 179 8.72 13.39 29.08
C ILE A 179 8.64 11.98 28.53
N SER A 180 7.40 11.53 28.38
CA SER A 180 7.03 10.30 27.64
C SER A 180 6.28 10.75 26.39
N SER A 181 5.82 9.77 25.62
CA SER A 181 5.03 10.03 24.42
C SER A 181 3.77 10.76 24.84
N ASN A 182 3.25 10.56 26.05
CA ASN A 182 2.00 11.22 26.49
C ASN A 182 2.18 12.72 26.32
N GLU A 183 3.25 13.28 26.88
CA GLU A 183 3.50 14.74 26.87
C GLU A 183 3.94 15.20 25.49
N ALA A 184 4.61 14.33 24.72
CA ALA A 184 5.09 14.68 23.37
C ALA A 184 3.91 15.15 22.51
N PHE A 185 2.74 14.55 22.67
CA PHE A 185 1.53 14.90 21.90
C PHE A 185 1.03 16.31 22.22
N TYR A 186 1.50 16.94 23.28
CA TYR A 186 0.96 18.26 23.71
C TYR A 186 2.07 19.32 23.83
N LEU A 187 3.28 19.04 23.37
CA LEU A 187 4.34 20.07 23.44
C LEU A 187 3.81 21.35 22.79
N PRO A 188 3.91 22.51 23.47
CA PRO A 188 3.41 23.77 22.91
C PRO A 188 4.27 24.29 21.74
N GLU A 189 5.52 23.87 21.66
CA GLU A 189 6.50 24.25 20.61
C GLU A 189 7.29 23.02 20.19
N PRO A 190 7.75 22.94 18.91
CA PRO A 190 8.52 21.80 18.44
C PRO A 190 9.92 22.02 18.97
N PRO A 191 10.55 21.03 19.62
CA PRO A 191 11.90 21.20 20.14
C PRO A 191 12.91 21.39 19.00
N ARG A 192 13.88 22.28 19.23
CA ARG A 192 15.02 22.49 18.33
C ARG A 192 15.94 21.28 18.41
N ARG A 193 16.21 20.85 19.64
CA ARG A 193 17.09 19.70 19.95
C ARG A 193 16.31 18.71 20.78
N VAL A 194 16.24 17.47 20.35
CA VAL A 194 15.52 16.45 21.13
C VAL A 194 16.31 15.16 21.15
N LEU A 195 16.27 14.51 22.31
CA LEU A 195 16.80 13.16 22.52
C LEU A 195 15.61 12.25 22.71
N THR A 196 15.41 11.34 21.77
CA THR A 196 14.43 10.25 21.95
C THR A 196 15.22 9.07 22.52
N VAL A 197 14.79 8.59 23.68
CA VAL A 197 15.47 7.49 24.40
C VAL A 197 14.73 6.17 24.17
N GLY A 198 15.42 5.27 23.51
CA GLY A 198 14.89 3.92 23.21
C GLY A 198 15.04 3.62 21.73
N GLY A 199 14.98 2.33 21.42
CA GLY A 199 15.21 1.76 20.08
C GLY A 199 13.98 1.06 19.55
N GLY A 200 12.84 1.22 20.21
CA GLY A 200 11.56 0.64 19.76
C GLY A 200 10.82 1.59 18.83
N PHE A 201 9.65 1.15 18.39
CA PHE A 201 8.83 1.85 17.38
C PHE A 201 8.49 3.27 17.86
N ILE A 202 8.23 3.50 19.15
CA ILE A 202 7.76 4.84 19.63
C ILE A 202 8.90 5.86 19.52
N SER A 203 10.10 5.46 19.94
CA SER A 203 11.28 6.34 19.86
C SER A 203 11.55 6.66 18.37
N VAL A 204 11.53 5.65 17.51
CA VAL A 204 11.86 5.77 16.07
C VAL A 204 10.83 6.69 15.38
N GLU A 205 9.55 6.49 15.69
CA GLU A 205 8.46 7.24 15.05
C GLU A 205 8.55 8.69 15.45
N PHE A 206 8.78 8.95 16.75
CA PHE A 206 8.85 10.34 17.26
C PHE A 206 10.13 11.00 16.76
N ALA A 207 11.23 10.27 16.57
CA ALA A 207 12.44 10.91 16.05
C ALA A 207 12.12 11.45 14.66
N GLY A 208 11.34 10.69 13.89
CA GLY A 208 10.88 11.11 12.56
C GLY A 208 10.04 12.37 12.62
N ILE A 209 9.06 12.38 13.51
CA ILE A 209 8.13 13.53 13.69
C ILE A 209 8.97 14.76 14.06
N PHE A 210 9.82 14.65 15.08
CA PHE A 210 10.53 15.83 15.61
C PHE A 210 11.47 16.33 14.53
N ASN A 211 11.99 15.39 13.74
CA ASN A 211 12.98 15.72 12.70
C ASN A 211 12.34 16.63 11.64
N ALA A 212 11.08 16.41 11.33
CA ALA A 212 10.38 17.17 10.27
C ALA A 212 9.99 18.56 10.79
N TYR A 213 9.61 18.68 12.07
CA TYR A 213 9.01 19.91 12.64
C TYR A 213 10.05 20.73 13.41
N LYS A 214 11.31 20.30 13.45
CA LYS A 214 12.30 21.07 14.26
C LYS A 214 12.49 22.44 13.62
N PRO A 215 12.64 23.50 14.45
CA PRO A 215 13.04 24.82 13.95
C PRO A 215 14.45 24.81 13.37
N PRO A 216 14.84 25.91 12.65
CA PRO A 216 16.16 25.98 12.02
C PRO A 216 17.27 25.72 13.05
N GLY A 217 18.37 25.11 12.62
CA GLY A 217 19.49 24.72 13.49
C GLY A 217 19.09 23.61 14.45
N GLY A 218 18.11 22.80 14.04
CA GLY A 218 17.52 21.73 14.85
C GLY A 218 18.37 20.48 14.77
N LYS A 219 18.23 19.59 15.75
CA LYS A 219 18.91 18.29 15.73
C LYS A 219 18.10 17.29 16.55
N VAL A 220 17.78 16.16 15.92
CA VAL A 220 17.14 14.99 16.58
C VAL A 220 18.20 13.94 16.81
N THR A 221 18.37 13.54 18.07
CA THR A 221 19.27 12.44 18.49
C THR A 221 18.40 11.33 19.06
N LEU A 222 18.54 10.13 18.53
CA LEU A 222 17.89 8.95 19.12
C LEU A 222 19.01 8.16 19.80
N CYS A 223 18.87 7.84 21.07
CA CYS A 223 19.83 6.92 21.72
C CYS A 223 19.18 5.58 22.02
N TYR A 224 19.98 4.52 21.97
CA TYR A 224 19.53 3.16 22.30
C TYR A 224 20.65 2.41 23.03
N ARG A 225 20.27 1.71 24.10
CA ARG A 225 21.25 1.15 25.07
C ARG A 225 22.05 0.04 24.39
N ASN A 226 21.53 -0.64 23.36
CA ASN A 226 22.26 -1.76 22.73
C ASN A 226 22.75 -1.33 21.36
N ASN A 227 23.21 -2.29 20.55
CA ASN A 227 24.04 -2.01 19.36
C ASN A 227 23.19 -1.57 18.16
N LEU A 228 21.93 -1.98 18.08
CA LEU A 228 21.10 -1.85 16.85
C LEU A 228 19.62 -1.72 17.24
N ILE A 229 18.97 -0.66 16.73
CA ILE A 229 17.58 -0.31 17.09
C ILE A 229 16.66 -1.43 16.62
N LEU A 230 15.41 -1.39 17.10
CA LEU A 230 14.27 -2.19 16.55
C LEU A 230 14.56 -3.69 16.69
N ARG A 231 15.02 -4.10 17.87
CA ARG A 231 15.05 -5.52 18.25
C ARG A 231 13.71 -6.15 17.95
N GLY A 232 13.73 -7.34 17.35
CA GLY A 232 12.51 -8.13 17.05
C GLY A 232 12.06 -7.94 15.62
N PHE A 233 12.65 -6.96 14.91
CA PHE A 233 12.46 -6.75 13.47
C PHE A 233 13.58 -7.45 12.69
N ASP A 234 13.31 -7.67 11.41
CA ASP A 234 14.28 -8.26 10.45
C ASP A 234 15.59 -7.46 10.49
N GLU A 235 16.73 -8.16 10.62
CA GLU A 235 18.05 -7.51 10.82
C GLU A 235 18.40 -6.58 9.65
N THR A 236 18.14 -6.99 8.41
CA THR A 236 18.43 -6.16 7.21
C THR A 236 17.65 -4.84 7.36
N ILE A 237 16.39 -4.94 7.76
CA ILE A 237 15.54 -3.74 7.94
C ILE A 237 16.04 -2.89 9.09
N ARG A 238 16.46 -3.48 10.19
CA ARG A 238 16.98 -2.69 11.33
C ARG A 238 18.16 -1.85 10.86
N GLU A 239 19.09 -2.48 10.16
CA GLU A 239 20.30 -1.80 9.61
C GLU A 239 19.84 -0.73 8.60
N GLU A 240 18.87 -1.04 7.75
CA GLU A 240 18.48 -0.09 6.70
C GLU A 240 17.76 1.13 7.26
N VAL A 241 16.80 0.93 8.17
N VAL A 241 16.80 0.95 8.18
CA VAL A 241 16.06 2.04 8.85
CA VAL A 241 16.07 2.09 8.81
C VAL A 241 17.10 2.95 9.50
C VAL A 241 17.08 2.96 9.54
N THR A 242 18.08 2.35 10.20
CA THR A 242 19.20 3.08 10.84
C THR A 242 19.87 4.00 9.80
N LYS A 243 20.22 3.47 8.63
CA LYS A 243 20.88 4.25 7.57
C LYS A 243 19.93 5.34 7.06
N GLN A 244 18.66 4.99 6.84
CA GLN A 244 17.71 5.91 6.16
C GLN A 244 17.31 7.04 7.13
N LEU A 245 17.24 6.77 8.44
CA LEU A 245 17.04 7.83 9.46
C LEU A 245 18.26 8.75 9.47
N THR A 246 19.46 8.18 9.48
CA THR A 246 20.74 8.95 9.46
C THR A 246 20.77 9.82 8.21
N ALA A 247 20.34 9.29 7.08
CA ALA A 247 20.41 10.02 5.79
C ALA A 247 19.50 11.27 5.86
N ASN A 248 18.49 11.25 6.73
CA ASN A 248 17.47 12.32 6.81
C ASN A 248 17.79 13.19 8.03
N GLY A 249 18.98 13.02 8.62
CA GLY A 249 19.57 14.00 9.54
C GLY A 249 19.42 13.58 10.99
N ILE A 250 18.87 12.40 11.26
CA ILE A 250 18.69 11.96 12.67
C ILE A 250 20.01 11.30 13.10
N GLU A 251 20.53 11.69 14.25
CA GLU A 251 21.77 11.10 14.84
C GLU A 251 21.36 9.91 15.69
N ILE A 252 21.83 8.72 15.34
CA ILE A 252 21.54 7.44 16.06
C ILE A 252 22.75 7.17 16.98
N MET A 253 22.57 7.30 18.29
CA MET A 253 23.59 6.98 19.33
C MET A 253 23.26 5.60 19.89
N THR A 254 23.96 4.56 19.45
CA THR A 254 23.74 3.18 19.93
C THR A 254 24.77 2.85 21.00
N ASN A 255 24.49 1.87 21.87
CA ASN A 255 25.36 1.55 23.03
C ASN A 255 25.44 2.76 23.95
N GLU A 256 24.38 3.56 24.04
CA GLU A 256 24.36 4.78 24.90
C GLU A 256 23.04 4.86 25.66
N ASN A 257 23.12 5.29 26.91
CA ASN A 257 21.92 5.34 27.79
C ASN A 257 22.12 6.49 28.78
N PRO A 258 21.11 7.38 28.95
CA PRO A 258 21.20 8.47 29.92
C PRO A 258 21.38 7.91 31.33
N ALA A 259 22.30 8.53 32.08
CA ALA A 259 22.60 8.23 33.49
C ALA A 259 21.95 9.32 34.33
N LYS A 260 21.91 10.55 33.84
CA LYS A 260 21.14 11.62 34.52
C LYS A 260 20.88 12.79 33.58
N VAL A 261 19.91 13.60 33.98
CA VAL A 261 19.53 14.88 33.34
C VAL A 261 19.50 15.98 34.41
N SER A 262 20.08 17.13 34.10
CA SER A 262 19.87 18.38 34.86
C SER A 262 19.33 19.48 33.95
N LEU A 263 18.60 20.43 34.53
CA LEU A 263 18.16 21.68 33.89
C LEU A 263 19.37 22.62 33.81
N ASN A 264 19.73 23.04 32.60
CA ASN A 264 20.59 24.23 32.39
C ASN A 264 19.81 25.48 32.80
N THR A 265 20.50 26.60 33.03
CA THR A 265 19.86 27.83 33.54
C THR A 265 18.87 28.38 32.50
N ASP A 266 19.05 28.09 31.20
CA ASP A 266 18.10 28.55 30.13
C ASP A 266 16.90 27.60 29.97
N GLY A 267 16.78 26.56 30.80
CA GLY A 267 15.63 25.63 30.81
C GLY A 267 15.86 24.43 29.91
N SER A 268 17.03 24.39 29.23
CA SER A 268 17.42 23.24 28.37
C SER A 268 17.90 22.11 29.28
N LYS A 269 18.03 20.92 28.74
CA LYS A 269 18.35 19.69 29.47
C LYS A 269 19.79 19.30 29.17
N HIS A 270 20.55 19.09 30.24
CA HIS A 270 21.93 18.59 30.16
C HIS A 270 21.86 17.09 30.45
N VAL A 271 22.03 16.26 29.42
CA VAL A 271 22.00 14.78 29.52
C VAL A 271 23.43 14.30 29.71
N THR A 272 23.67 13.57 30.80
CA THR A 272 24.89 12.76 30.98
C THR A 272 24.59 11.28 30.71
N PHE A 273 25.33 10.68 29.79
CA PHE A 273 25.21 9.25 29.43
C PHE A 273 26.06 8.44 30.39
N GLU A 274 25.71 7.17 30.57
CA GLU A 274 26.50 6.15 31.29
C GLU A 274 27.95 6.17 30.79
N SER A 275 28.16 6.36 29.48
CA SER A 275 29.51 6.43 28.82
C SER A 275 30.30 7.68 29.28
N GLY A 276 29.66 8.66 29.91
CA GLY A 276 30.30 9.93 30.27
C GLY A 276 30.09 11.02 29.23
N LYS A 277 29.60 10.68 28.04
CA LYS A 277 29.24 11.70 27.02
C LYS A 277 28.14 12.61 27.58
N THR A 278 28.05 13.82 27.03
CA THR A 278 26.97 14.78 27.38
C THR A 278 26.31 15.31 26.10
N LEU A 279 25.10 15.78 26.26
CA LEU A 279 24.29 16.36 25.17
C LEU A 279 23.28 17.30 25.80
N ASP A 280 23.21 18.52 25.25
CA ASP A 280 22.19 19.53 25.60
C ASP A 280 21.05 19.40 24.59
N VAL A 281 19.82 19.27 25.09
CA VAL A 281 18.63 19.21 24.22
C VAL A 281 17.54 20.04 24.86
N ASP A 282 16.48 20.30 24.10
CA ASP A 282 15.31 21.03 24.63
C ASP A 282 14.31 20.04 25.20
N VAL A 283 14.27 18.83 24.66
CA VAL A 283 13.35 17.75 25.11
C VAL A 283 14.11 16.43 25.19
N VAL A 284 13.83 15.71 26.29
CA VAL A 284 14.26 14.29 26.49
C VAL A 284 12.97 13.47 26.53
N MET A 285 12.70 12.73 25.47
CA MET A 285 11.50 11.88 25.43
C MET A 285 11.94 10.46 25.67
N MET A 286 11.45 9.88 26.77
CA MET A 286 11.78 8.49 27.14
C MET A 286 10.75 7.57 26.48
N ALA A 287 11.23 6.58 25.75
CA ALA A 287 10.37 5.59 25.06
C ALA A 287 11.05 4.24 25.17
N ILE A 288 11.31 3.81 26.42
CA ILE A 288 12.16 2.63 26.71
C ILE A 288 11.25 1.45 27.00
N GLY A 289 9.93 1.64 27.05
CA GLY A 289 9.03 0.52 27.35
C GLY A 289 7.72 1.02 27.89
N ARG A 290 6.71 0.17 27.76
CA ARG A 290 5.39 0.38 28.37
C ARG A 290 5.10 -0.83 29.27
N ILE A 291 4.44 -0.56 30.40
CA ILE A 291 4.16 -1.58 31.43
C ILE A 291 2.67 -1.61 31.69
N PRO A 292 2.16 -2.82 31.96
CA PRO A 292 0.74 -3.02 32.13
C PRO A 292 0.25 -2.23 33.34
N ARG A 293 -0.98 -1.76 33.25
CA ARG A 293 -1.66 -0.92 34.27
C ARG A 293 -2.51 -1.83 35.16
N THR A 294 -1.85 -2.48 36.12
CA THR A 294 -2.49 -3.44 37.06
C THR A 294 -2.60 -2.86 38.49
N ASN A 295 -1.65 -2.03 38.94
CA ASN A 295 -1.67 -1.39 40.28
C ASN A 295 -3.08 -0.97 40.70
N ASP A 296 -3.72 -0.17 39.86
CA ASP A 296 -4.90 0.61 40.30
C ASP A 296 -6.15 -0.28 40.39
N LEU A 297 -6.10 -1.49 39.85
CA LEU A 297 -7.31 -2.37 39.79
C LEU A 297 -7.51 -3.08 41.14
N GLN A 298 -6.49 -3.08 42.01
CA GLN A 298 -6.51 -3.70 43.36
C GLN A 298 -6.77 -5.19 43.18
N LEU A 299 -5.90 -5.86 42.43
CA LEU A 299 -6.05 -7.28 42.04
C LEU A 299 -5.71 -8.18 43.24
N GLY A 300 -4.95 -7.65 44.22
CA GLY A 300 -4.65 -8.34 45.50
C GLY A 300 -5.92 -8.72 46.24
N ASN A 301 -7.01 -7.95 46.04
CA ASN A 301 -8.33 -8.12 46.68
C ASN A 301 -9.09 -9.36 46.21
N VAL A 302 -8.88 -9.86 44.99
CA VAL A 302 -9.57 -11.09 44.48
C VAL A 302 -8.54 -12.17 44.10
N GLY A 303 -7.24 -11.89 44.22
CA GLY A 303 -6.17 -12.83 43.87
C GLY A 303 -6.19 -13.15 42.39
N VAL A 304 -6.17 -12.13 41.53
CA VAL A 304 -5.87 -12.33 40.08
C VAL A 304 -4.35 -12.46 39.96
N LYS A 305 -3.88 -13.52 39.30
CA LYS A 305 -2.42 -13.81 39.18
C LYS A 305 -1.80 -12.91 38.11
N LEU A 306 -0.65 -12.31 38.45
CA LEU A 306 0.24 -11.53 37.56
C LEU A 306 1.43 -12.40 37.19
N THR A 307 2.11 -12.06 36.09
CA THR A 307 3.25 -12.82 35.52
C THR A 307 4.55 -12.37 36.20
N PRO A 308 5.63 -13.18 36.09
CA PRO A 308 6.96 -12.77 36.51
C PRO A 308 7.33 -11.39 35.98
N LYS A 309 6.74 -10.97 34.86
CA LYS A 309 6.92 -9.62 34.26
C LYS A 309 5.96 -8.60 34.88
N GLY A 310 4.70 -8.95 35.19
CA GLY A 310 3.73 -8.02 35.81
C GLY A 310 2.42 -7.87 35.03
N GLY A 311 2.26 -8.54 33.88
CA GLY A 311 0.97 -8.58 33.17
C GLY A 311 0.01 -9.58 33.82
N VAL A 312 -1.29 -9.34 33.71
CA VAL A 312 -2.32 -10.33 34.12
C VAL A 312 -2.04 -11.62 33.35
N GLN A 313 -1.83 -12.73 34.08
CA GLN A 313 -1.70 -14.08 33.46
C GLN A 313 -3.05 -14.44 32.87
N VAL A 314 -3.04 -14.95 31.63
CA VAL A 314 -4.27 -15.38 30.93
C VAL A 314 -3.96 -16.71 30.23
N ASP A 315 -5.00 -17.48 30.00
CA ASP A 315 -4.95 -18.68 29.12
C ASP A 315 -5.32 -18.21 27.72
N GLU A 316 -5.42 -19.14 26.78
CA GLU A 316 -5.63 -18.81 25.36
C GLU A 316 -6.99 -18.15 25.15
N PHE A 317 -7.91 -18.25 26.13
CA PHE A 317 -9.29 -17.70 26.08
C PHE A 317 -9.39 -16.41 26.92
N SER A 318 -8.26 -15.80 27.29
CA SER A 318 -8.18 -14.50 27.99
C SER A 318 -8.73 -14.67 29.42
N ARG A 319 -8.71 -15.89 29.94
CA ARG A 319 -9.25 -16.20 31.28
C ARG A 319 -8.13 -16.08 32.30
N THR A 320 -8.37 -15.29 33.34
CA THR A 320 -7.55 -15.20 34.56
C THR A 320 -7.73 -16.50 35.34
N ASN A 321 -7.00 -16.64 36.44
CA ASN A 321 -7.21 -17.72 37.43
C ASN A 321 -8.58 -17.59 38.10
N VAL A 322 -9.28 -16.44 38.00
CA VAL A 322 -10.58 -16.21 38.70
C VAL A 322 -11.71 -16.33 37.70
N PRO A 323 -12.62 -17.31 37.83
CA PRO A 323 -13.76 -17.44 36.92
C PRO A 323 -14.54 -16.11 36.78
N ASN A 324 -15.12 -15.84 35.61
CA ASN A 324 -15.90 -14.61 35.34
C ASN A 324 -14.98 -13.40 35.14
N ILE A 325 -13.68 -13.52 35.45
CA ILE A 325 -12.69 -12.40 35.26
C ILE A 325 -11.72 -12.73 34.11
N TYR A 326 -11.71 -11.85 33.09
CA TYR A 326 -10.91 -11.98 31.85
C TYR A 326 -9.99 -10.77 31.74
N ALA A 327 -8.95 -10.87 30.91
CA ALA A 327 -7.98 -9.78 30.64
C ALA A 327 -7.53 -9.87 29.16
N ILE A 328 -7.66 -8.76 28.44
CA ILE A 328 -7.19 -8.61 27.03
C ILE A 328 -6.29 -7.38 26.91
N GLY A 329 -5.56 -7.33 25.80
CA GLY A 329 -4.78 -6.16 25.39
C GLY A 329 -3.54 -6.00 26.22
N ASP A 330 -3.07 -4.76 26.34
CA ASP A 330 -1.71 -4.46 26.83
C ASP A 330 -1.59 -4.92 28.28
N ILE A 331 -2.68 -5.01 29.06
CA ILE A 331 -2.54 -5.44 30.48
C ILE A 331 -1.93 -6.85 30.51
N THR A 332 -2.06 -7.65 29.44
CA THR A 332 -1.50 -9.02 29.42
C THR A 332 -0.01 -8.99 29.04
N ASP A 333 0.56 -7.83 28.68
CA ASP A 333 2.02 -7.66 28.50
C ASP A 333 2.57 -8.68 27.50
N ARG A 334 1.93 -8.79 26.35
CA ARG A 334 2.40 -9.67 25.24
C ARG A 334 2.69 -8.74 24.04
N LEU A 335 1.95 -8.91 22.94
N LEU A 335 1.93 -8.86 22.96
CA LEU A 335 1.97 -8.01 21.77
CA LEU A 335 2.10 -7.98 21.78
C LEU A 335 1.11 -6.78 22.10
C LEU A 335 1.15 -6.78 21.94
N MET A 336 1.73 -5.61 22.23
CA MET A 336 0.97 -4.40 22.59
C MET A 336 0.56 -3.69 21.30
N LEU A 337 -0.49 -4.21 20.69
CA LEU A 337 -1.06 -3.67 19.44
C LEU A 337 -2.57 -3.57 19.58
N THR A 338 -3.13 -2.53 18.99
CA THR A 338 -4.57 -2.25 19.05
C THR A 338 -5.32 -3.43 18.41
N PRO A 339 -5.02 -3.87 17.16
CA PRO A 339 -5.80 -4.93 16.52
C PRO A 339 -5.76 -6.27 17.25
N VAL A 340 -4.71 -6.53 18.02
CA VAL A 340 -4.63 -7.72 18.88
C VAL A 340 -5.63 -7.56 20.03
N ALA A 341 -5.60 -6.42 20.74
CA ALA A 341 -6.60 -6.12 21.79
C ALA A 341 -8.00 -6.34 21.21
N ILE A 342 -8.25 -5.83 20.00
CA ILE A 342 -9.61 -5.83 19.40
C ILE A 342 -9.98 -7.29 19.14
N ASN A 343 -9.06 -8.03 18.54
CA ASN A 343 -9.24 -9.46 18.22
C ASN A 343 -9.56 -10.26 19.49
N GLU A 344 -8.81 -10.04 20.57
CA GLU A 344 -8.99 -10.76 21.85
C GLU A 344 -10.38 -10.47 22.45
N GLY A 345 -10.77 -9.19 22.45
CA GLY A 345 -12.13 -8.76 22.83
C GLY A 345 -13.22 -9.43 22.03
N ALA A 346 -13.14 -9.44 20.70
CA ALA A 346 -14.13 -10.04 19.80
C ALA A 346 -14.24 -11.54 20.08
N ALA A 347 -13.11 -12.22 20.32
CA ALA A 347 -13.04 -13.69 20.58
C ALA A 347 -13.66 -13.98 21.95
N LEU A 348 -13.29 -13.20 22.96
CA LEU A 348 -13.76 -13.36 24.34
C LEU A 348 -15.29 -13.30 24.36
N VAL A 349 -15.85 -12.32 23.67
CA VAL A 349 -17.33 -12.12 23.62
C VAL A 349 -17.98 -13.20 22.74
N ASP A 350 -17.45 -13.50 21.54
CA ASP A 350 -18.02 -14.57 20.67
C ASP A 350 -17.99 -15.88 21.47
N THR A 351 -16.97 -16.09 22.30
CA THR A 351 -16.83 -17.31 23.14
C THR A 351 -17.92 -17.29 24.20
N VAL A 352 -17.81 -16.36 25.16
CA VAL A 352 -18.57 -16.33 26.44
C VAL A 352 -20.07 -16.05 26.19
N PHE A 353 -20.44 -15.22 25.21
CA PHE A 353 -21.83 -14.78 24.98
C PHE A 353 -22.36 -15.35 23.67
N GLY A 354 -21.49 -15.60 22.70
CA GLY A 354 -21.90 -16.28 21.46
C GLY A 354 -21.96 -17.79 21.60
N ASN A 355 -21.36 -18.35 22.64
CA ASN A 355 -21.24 -19.81 22.78
C ASN A 355 -20.51 -20.35 21.56
N LYS A 356 -19.53 -19.60 21.05
CA LYS A 356 -18.79 -19.96 19.81
C LYS A 356 -17.32 -19.73 20.15
N PRO A 357 -16.70 -20.64 20.93
CA PRO A 357 -15.37 -20.39 21.45
C PRO A 357 -14.38 -20.17 20.29
N ARG A 358 -13.52 -19.19 20.48
CA ARG A 358 -12.52 -18.74 19.49
C ARG A 358 -11.39 -18.13 20.29
N LYS A 359 -10.16 -18.43 19.89
CA LYS A 359 -8.92 -18.00 20.58
C LYS A 359 -8.16 -17.12 19.59
N THR A 360 -7.64 -16.02 20.08
CA THR A 360 -6.80 -15.14 19.25
C THR A 360 -5.56 -15.94 18.87
N ASP A 361 -5.19 -15.87 17.60
CA ASP A 361 -3.90 -16.38 17.08
C ASP A 361 -2.83 -15.30 17.22
N HIS A 362 -1.83 -15.56 18.04
CA HIS A 362 -0.75 -14.58 18.35
C HIS A 362 0.40 -14.77 17.36
N THR A 363 0.29 -15.72 16.43
CA THR A 363 1.31 -15.93 15.35
C THR A 363 0.85 -15.19 14.08
N ARG A 364 1.79 -14.75 13.25
CA ARG A 364 1.47 -14.32 11.87
C ARG A 364 0.65 -13.04 11.98
N VAL A 365 0.97 -12.23 13.00
CA VAL A 365 0.33 -10.91 13.20
C VAL A 365 1.07 -9.89 12.34
N ALA A 366 0.37 -9.29 11.40
CA ALA A 366 0.93 -8.17 10.62
C ALA A 366 1.05 -6.96 11.55
N SER A 367 2.13 -6.19 11.43
CA SER A 367 2.29 -4.93 12.20
C SER A 367 3.14 -3.97 11.39
N ALA A 368 3.23 -2.73 11.85
CA ALA A 368 3.99 -1.72 11.10
C ALA A 368 4.71 -0.81 12.07
N VAL A 369 5.74 -0.19 11.54
CA VAL A 369 6.44 0.95 12.18
C VAL A 369 6.29 2.10 11.18
N PHE A 370 5.67 3.19 11.59
CA PHE A 370 5.54 4.42 10.77
C PHE A 370 6.77 5.27 10.96
N SER A 371 7.92 4.59 10.82
CA SER A 371 9.21 5.23 10.53
C SER A 371 9.09 5.87 9.16
N ILE A 372 10.00 6.79 8.87
CA ILE A 372 10.15 7.34 7.51
C ILE A 372 11.49 6.85 7.01
N PRO A 373 11.48 5.92 6.01
CA PRO A 373 10.27 5.30 5.48
C PRO A 373 9.81 4.15 6.37
N PRO A 374 8.59 3.60 6.17
CA PRO A 374 7.99 2.68 7.15
C PRO A 374 8.31 1.20 6.93
N ILE A 375 8.05 0.44 7.97
CA ILE A 375 8.20 -1.03 8.05
C ILE A 375 6.81 -1.63 8.03
N GLY A 376 6.66 -2.73 7.27
CA GLY A 376 5.49 -3.62 7.36
C GLY A 376 6.01 -5.04 7.51
N THR A 377 5.55 -5.77 8.52
CA THR A 377 6.10 -7.12 8.84
C THR A 377 4.98 -8.04 9.28
N CYS A 378 5.13 -9.32 8.97
CA CYS A 378 4.17 -10.36 9.42
C CYS A 378 5.00 -11.64 9.61
N GLY A 379 4.91 -12.26 10.80
CA GLY A 379 5.51 -13.57 11.06
C GLY A 379 6.97 -13.49 11.42
N LEU A 380 7.69 -14.60 11.20
CA LEU A 380 8.98 -14.83 11.91
C LEU A 380 10.10 -14.13 11.18
N ILE A 381 11.01 -13.53 11.94
CA ILE A 381 12.35 -13.16 11.42
C ILE A 381 13.17 -14.44 11.26
N GLU A 382 14.09 -14.43 10.31
CA GLU A 382 14.88 -15.62 9.93
C GLU A 382 15.64 -16.21 11.12
N GLU A 383 16.15 -15.41 12.05
CA GLU A 383 16.96 -15.95 13.19
C GLU A 383 16.08 -16.85 14.04
N VAL A 384 14.82 -16.45 14.19
CA VAL A 384 13.80 -17.18 14.98
C VAL A 384 13.38 -18.42 14.18
N ALA A 385 13.03 -18.28 12.91
CA ALA A 385 12.67 -19.41 12.02
C ALA A 385 13.79 -20.48 12.07
N ALA A 386 15.05 -20.04 11.99
CA ALA A 386 16.27 -20.87 11.87
C ALA A 386 16.45 -21.77 13.09
N LYS A 387 15.92 -21.39 14.25
CA LYS A 387 15.96 -22.20 15.50
C LYS A 387 14.81 -23.21 15.55
N GLU A 388 13.74 -23.05 14.77
CA GLU A 388 12.52 -23.92 14.84
C GLU A 388 12.49 -24.91 13.67
N PHE A 389 13.08 -24.55 12.54
CA PHE A 389 12.95 -25.30 11.26
C PHE A 389 14.38 -25.70 10.85
N GLU A 390 14.53 -26.95 10.37
N GLU A 390 14.52 -26.95 10.36
CA GLU A 390 15.82 -27.53 9.93
CA GLU A 390 15.81 -27.55 9.94
C GLU A 390 16.39 -26.69 8.78
C GLU A 390 16.40 -26.76 8.76
N LYS A 391 15.56 -26.41 7.78
CA LYS A 391 15.97 -25.66 6.56
C LYS A 391 15.01 -24.48 6.33
N VAL A 392 15.58 -23.29 6.39
CA VAL A 392 14.90 -21.99 6.20
C VAL A 392 15.52 -21.38 4.95
N ALA A 393 14.70 -20.86 4.05
CA ALA A 393 15.15 -20.11 2.88
C ALA A 393 14.81 -18.64 3.10
N VAL A 394 15.72 -17.77 2.70
CA VAL A 394 15.47 -16.31 2.69
C VAL A 394 15.56 -15.79 1.27
N TYR A 395 14.47 -15.17 0.84
CA TYR A 395 14.31 -14.48 -0.45
C TYR A 395 14.41 -13.00 -0.12
N MET A 396 15.28 -12.26 -0.83
CA MET A 396 15.52 -10.84 -0.49
C MET A 396 15.60 -10.05 -1.80
N SER A 397 14.89 -8.95 -1.88
CA SER A 397 15.01 -7.95 -2.95
C SER A 397 15.18 -6.60 -2.27
N SER A 398 16.22 -5.84 -2.64
CA SER A 398 16.58 -4.57 -1.99
C SER A 398 17.15 -3.66 -3.05
N PHE A 399 16.47 -2.56 -3.31
CA PHE A 399 16.88 -1.61 -4.37
C PHE A 399 16.21 -0.28 -4.05
N THR A 400 16.83 0.82 -4.46
CA THR A 400 16.15 2.14 -4.48
C THR A 400 15.16 2.14 -5.63
N PRO A 401 13.84 2.30 -5.37
CA PRO A 401 12.85 2.37 -6.43
C PRO A 401 13.19 3.58 -7.32
N LEU A 402 12.85 3.43 -8.59
CA LEU A 402 13.14 4.41 -9.65
C LEU A 402 12.62 5.78 -9.20
N MET A 403 11.40 5.86 -8.66
CA MET A 403 10.85 7.19 -8.31
C MET A 403 11.83 7.90 -7.36
N HIS A 404 12.58 7.17 -6.52
CA HIS A 404 13.47 7.80 -5.50
C HIS A 404 14.86 8.10 -6.07
N ASN A 405 15.20 7.50 -7.22
CA ASN A 405 16.34 7.97 -8.05
C ASN A 405 15.98 9.34 -8.64
N ILE A 406 14.74 9.54 -9.09
CA ILE A 406 14.31 10.88 -9.58
C ILE A 406 14.11 11.86 -8.42
N SER A 407 13.56 11.41 -7.28
CA SER A 407 13.21 12.31 -6.14
C SER A 407 14.47 12.92 -5.51
N GLY A 408 15.60 12.21 -5.55
CA GLY A 408 16.87 12.63 -4.94
C GLY A 408 17.10 11.91 -3.62
N SER A 409 16.14 11.09 -3.17
CA SER A 409 16.26 10.26 -1.95
C SER A 409 16.81 8.90 -2.32
N LYS A 410 18.05 8.85 -2.86
CA LYS A 410 18.69 7.60 -3.35
C LYS A 410 18.83 6.58 -2.21
N TYR A 411 18.93 7.07 -0.98
CA TYR A 411 19.09 6.27 0.25
C TYR A 411 17.80 5.48 0.56
N LYS A 412 16.66 5.76 -0.07
CA LYS A 412 15.38 5.04 0.24
C LYS A 412 15.34 3.69 -0.48
N LYS A 413 16.14 2.75 0.01
CA LYS A 413 16.13 1.36 -0.51
C LYS A 413 14.85 0.70 -0.01
N PHE A 414 14.09 0.11 -0.90
CA PHE A 414 12.93 -0.74 -0.58
C PHE A 414 13.50 -2.14 -0.31
N VAL A 415 13.16 -2.72 0.83
CA VAL A 415 13.62 -4.08 1.22
C VAL A 415 12.36 -4.96 1.28
N ALA A 416 12.37 -6.08 0.56
CA ALA A 416 11.33 -7.13 0.65
C ALA A 416 12.03 -8.44 0.96
N LYS A 417 11.68 -9.07 2.09
CA LYS A 417 12.24 -10.39 2.49
C LYS A 417 11.10 -11.35 2.78
N ILE A 418 11.18 -12.53 2.17
CA ILE A 418 10.29 -13.68 2.48
C ILE A 418 11.16 -14.75 3.11
N VAL A 419 10.75 -15.19 4.28
CA VAL A 419 11.38 -16.28 5.04
C VAL A 419 10.47 -17.51 4.93
N THR A 420 11.03 -18.63 4.50
CA THR A 420 10.23 -19.86 4.34
C THR A 420 10.84 -21.02 5.13
N ASN A 421 9.96 -21.97 5.43
CA ASN A 421 10.30 -23.38 5.70
C ASN A 421 10.70 -23.98 4.35
N HIS A 422 11.98 -24.20 4.11
CA HIS A 422 12.43 -24.66 2.78
C HIS A 422 11.98 -26.10 2.49
N SER A 423 11.62 -26.87 3.52
CA SER A 423 11.14 -28.28 3.37
C SER A 423 9.81 -28.32 2.61
N ASP A 424 8.94 -27.32 2.73
CA ASP A 424 7.63 -27.36 2.02
C ASP A 424 7.29 -26.04 1.36
N GLY A 425 8.12 -25.00 1.49
CA GLY A 425 7.91 -23.69 0.86
C GLY A 425 6.97 -22.78 1.67
N THR A 426 6.49 -23.20 2.85
CA THR A 426 5.52 -22.43 3.65
C THR A 426 6.16 -21.08 4.02
N VAL A 427 5.43 -20.00 3.83
CA VAL A 427 5.96 -18.67 4.23
C VAL A 427 5.83 -18.52 5.74
N LEU A 428 6.94 -18.25 6.37
CA LEU A 428 7.05 -18.10 7.83
C LEU A 428 7.00 -16.62 8.20
N GLY A 429 7.54 -15.78 7.34
CA GLY A 429 7.49 -14.33 7.57
C GLY A 429 7.80 -13.54 6.32
N VAL A 430 7.33 -12.30 6.32
CA VAL A 430 7.50 -11.31 5.23
C VAL A 430 7.86 -10.01 5.93
N HIS A 431 8.92 -9.35 5.48
CA HIS A 431 9.50 -8.15 6.11
C HIS A 431 9.70 -7.11 5.01
N LEU A 432 9.06 -5.94 5.12
CA LEU A 432 9.10 -4.87 4.09
C LEU A 432 9.61 -3.60 4.74
N LEU A 433 10.50 -2.91 4.02
CA LEU A 433 10.86 -1.52 4.37
C LEU A 433 10.72 -0.68 3.11
N GLY A 434 9.89 0.37 3.21
CA GLY A 434 9.72 1.38 2.16
C GLY A 434 8.31 1.90 2.12
N ASP A 435 8.16 2.97 1.36
CA ASP A 435 6.84 3.66 1.20
C ASP A 435 5.80 2.57 0.89
N GLY A 436 4.72 2.53 1.66
CA GLY A 436 3.59 1.63 1.35
C GLY A 436 3.66 0.31 2.09
N ALA A 437 4.78 0.03 2.78
CA ALA A 437 5.04 -1.26 3.46
C ALA A 437 3.86 -1.59 4.37
N PRO A 438 3.34 -0.68 5.22
CA PRO A 438 2.24 -1.04 6.11
C PRO A 438 0.97 -1.44 5.37
N GLU A 439 0.73 -0.81 4.24
CA GLU A 439 -0.44 -1.09 3.37
C GLU A 439 -0.24 -2.43 2.66
N ILE A 440 0.96 -2.67 2.13
CA ILE A 440 1.29 -3.92 1.41
C ILE A 440 1.07 -5.12 2.35
N ILE A 441 1.44 -4.99 3.62
CA ILE A 441 1.62 -6.18 4.47
C ILE A 441 0.26 -6.72 4.92
N GLN A 442 -0.81 -5.93 4.91
CA GLN A 442 -2.07 -6.38 5.54
C GLN A 442 -2.55 -7.68 4.86
N ALA A 443 -2.65 -7.71 3.55
CA ALA A 443 -3.19 -8.89 2.84
C ALA A 443 -2.15 -10.03 2.84
N VAL A 444 -0.89 -9.71 3.11
CA VAL A 444 0.12 -10.76 3.44
C VAL A 444 -0.26 -11.48 4.72
N GLY A 445 -0.75 -10.78 5.75
CA GLY A 445 -1.27 -11.43 6.96
C GLY A 445 -2.32 -12.46 6.57
N VAL A 446 -3.16 -12.12 5.61
CA VAL A 446 -4.23 -13.06 5.19
C VAL A 446 -3.55 -14.27 4.53
N CYS A 447 -2.57 -14.02 3.67
CA CYS A 447 -1.80 -15.09 2.98
C CYS A 447 -1.21 -16.06 4.00
N LEU A 448 -0.64 -15.56 5.08
CA LEU A 448 0.03 -16.41 6.08
C LEU A 448 -1.02 -17.23 6.86
N ARG A 449 -2.17 -16.63 7.20
N ARG A 449 -2.19 -16.65 7.14
CA ARG A 449 -3.30 -17.38 7.80
CA ARG A 449 -3.33 -17.35 7.80
C ARG A 449 -3.59 -18.59 6.90
C ARG A 449 -3.82 -18.49 6.89
N LEU A 450 -3.58 -18.39 5.58
CA LEU A 450 -3.94 -19.46 4.59
C LEU A 450 -2.75 -20.39 4.29
N ASN A 451 -1.64 -20.30 5.03
CA ASN A 451 -0.44 -21.17 4.87
C ASN A 451 0.12 -21.02 3.46
N ALA A 452 0.15 -19.80 2.96
CA ALA A 452 0.71 -19.51 1.62
C ALA A 452 2.14 -20.04 1.56
N LYS A 453 2.53 -20.61 0.44
CA LYS A 453 3.95 -20.98 0.16
C LYS A 453 4.56 -19.91 -0.74
N ILE A 454 5.89 -19.90 -0.85
CA ILE A 454 6.65 -19.04 -1.79
C ILE A 454 6.10 -19.20 -3.20
N SER A 455 5.67 -20.39 -3.59
CA SER A 455 5.13 -20.63 -4.96
C SER A 455 3.76 -19.97 -5.16
N ASP A 456 2.95 -19.85 -4.11
CA ASP A 456 1.69 -19.08 -4.21
C ASP A 456 1.98 -17.59 -4.52
N PHE A 457 3.04 -17.03 -3.94
CA PHE A 457 3.47 -15.64 -4.22
C PHE A 457 3.98 -15.56 -5.68
N TYR A 458 4.95 -16.41 -6.04
CA TYR A 458 5.62 -16.20 -7.35
C TYR A 458 4.69 -16.61 -8.48
N ASN A 459 3.67 -17.46 -8.27
CA ASN A 459 2.74 -17.83 -9.35
C ASN A 459 1.60 -16.81 -9.45
N THR A 460 1.49 -15.87 -8.51
CA THR A 460 0.48 -14.78 -8.61
C THR A 460 1.01 -13.72 -9.58
N ILE A 461 0.16 -13.21 -10.45
CA ILE A 461 0.59 -12.18 -11.42
C ILE A 461 0.76 -10.83 -10.71
N GLY A 462 1.88 -10.17 -11.01
CA GLY A 462 2.22 -8.85 -10.46
C GLY A 462 1.22 -7.78 -10.85
N VAL A 463 1.03 -6.81 -9.96
CA VAL A 463 0.47 -5.48 -10.28
C VAL A 463 1.63 -4.55 -10.56
N HIS A 464 1.64 -3.98 -11.76
CA HIS A 464 2.81 -3.21 -12.26
C HIS A 464 2.38 -1.82 -12.67
N PRO A 465 3.14 -0.75 -12.31
CA PRO A 465 4.31 -0.85 -11.43
C PRO A 465 3.95 -0.55 -9.96
N THR A 466 4.40 -1.42 -9.05
CA THR A 466 4.23 -1.25 -7.59
C THR A 466 5.51 -1.75 -6.92
N SER A 467 5.70 -1.38 -5.66
CA SER A 467 6.71 -2.06 -4.81
C SER A 467 6.23 -3.46 -4.47
N ALA A 468 4.93 -3.62 -4.20
CA ALA A 468 4.31 -4.88 -3.77
C ALA A 468 4.64 -6.02 -4.75
N GLU A 469 4.72 -5.74 -6.05
CA GLU A 469 4.91 -6.83 -7.05
C GLU A 469 6.23 -7.55 -6.80
N GLU A 470 7.20 -6.92 -6.11
CA GLU A 470 8.47 -7.60 -5.77
C GLU A 470 8.19 -8.91 -5.04
N LEU A 471 7.15 -8.95 -4.21
CA LEU A 471 6.80 -10.17 -3.42
C LEU A 471 6.36 -11.32 -4.31
N CYS A 472 5.97 -11.02 -5.56
CA CYS A 472 5.48 -12.01 -6.55
C CYS A 472 6.56 -12.29 -7.60
N SER A 473 7.79 -11.79 -7.40
CA SER A 473 8.91 -11.86 -8.39
C SER A 473 10.10 -12.67 -7.85
N MET A 474 9.98 -13.29 -6.67
CA MET A 474 11.11 -13.95 -6.00
C MET A 474 10.91 -15.48 -6.02
N ARG A 475 11.79 -16.16 -6.80
CA ARG A 475 11.69 -17.60 -7.13
C ARG A 475 12.86 -18.39 -6.52
N THR A 476 13.96 -17.71 -6.25
CA THR A 476 15.26 -18.31 -5.89
C THR A 476 15.73 -17.74 -4.57
N PRO A 477 15.94 -18.58 -3.53
CA PRO A 477 16.52 -18.10 -2.28
C PRO A 477 17.81 -17.29 -2.47
N SER A 478 18.02 -16.26 -1.66
CA SER A 478 19.27 -15.47 -1.61
C SER A 478 20.26 -16.27 -0.77
N TYR A 479 19.74 -16.97 0.23
CA TYR A 479 20.53 -17.79 1.16
C TYR A 479 19.59 -18.58 2.06
N TYR A 480 20.17 -19.40 2.94
CA TYR A 480 19.48 -20.41 3.75
C TYR A 480 20.03 -20.39 5.17
N TYR A 481 19.28 -21.02 6.06
CA TYR A 481 19.78 -21.52 7.37
C TYR A 481 19.55 -23.03 7.34
N VAL A 482 20.63 -23.80 7.56
CA VAL A 482 20.53 -25.28 7.70
C VAL A 482 20.95 -25.63 9.13
N LYS A 483 20.02 -26.17 9.91
CA LYS A 483 20.17 -26.43 11.36
C LYS A 483 20.80 -25.21 12.04
N GLY A 484 20.27 -24.01 11.80
CA GLY A 484 20.68 -22.77 12.50
C GLY A 484 21.80 -22.05 11.79
N GLU A 485 22.47 -22.71 10.84
CA GLU A 485 23.71 -22.23 10.22
C GLU A 485 23.40 -21.50 8.91
N LYS A 486 23.87 -20.27 8.80
CA LYS A 486 23.67 -19.42 7.59
C LYS A 486 24.65 -19.90 6.51
N MET A 487 24.18 -20.08 5.29
CA MET A 487 24.99 -20.49 4.12
C MET A 487 24.28 -20.07 2.83
N GLU A 488 25.07 -19.75 1.82
CA GLU A 488 24.60 -19.22 0.52
C GLU A 488 23.88 -20.34 -0.22
N LYS A 489 24.35 -21.57 -0.13
CA LYS A 489 23.84 -22.71 -0.93
C LYS A 489 23.52 -23.87 0.01
N LEU A 490 22.51 -24.66 -0.33
CA LEU A 490 22.21 -25.90 0.42
C LEU A 490 23.36 -26.88 0.19
N PRO A 491 23.72 -27.72 1.20
CA PRO A 491 24.41 -28.98 0.94
C PRO A 491 23.55 -29.95 0.10
N LYS B 6 20.46 -16.53 -40.97
CA LYS B 6 20.93 -17.10 -39.68
C LYS B 6 19.80 -17.98 -39.10
N ALA B 7 20.15 -18.98 -38.27
CA ALA B 7 19.21 -20.03 -37.80
C ALA B 7 19.02 -19.95 -36.28
N PHE B 8 17.78 -19.98 -35.80
CA PHE B 8 17.43 -19.82 -34.37
C PHE B 8 16.42 -20.89 -33.98
N ASP B 9 16.48 -21.30 -32.71
CA ASP B 9 15.46 -22.16 -32.09
C ASP B 9 14.16 -21.34 -31.97
N LEU B 10 14.30 -20.06 -31.65
CA LEU B 10 13.14 -19.15 -31.42
C LEU B 10 13.45 -17.80 -32.02
N VAL B 11 12.50 -17.26 -32.79
CA VAL B 11 12.57 -15.84 -33.21
C VAL B 11 11.35 -15.12 -32.63
N VAL B 12 11.62 -14.04 -31.88
CA VAL B 12 10.59 -13.24 -31.18
C VAL B 12 10.46 -11.94 -31.95
N ILE B 13 9.26 -11.66 -32.45
CA ILE B 13 9.00 -10.34 -33.08
C ILE B 13 8.34 -9.46 -32.03
N GLY B 14 9.09 -8.46 -31.57
CA GLY B 14 8.69 -7.50 -30.53
C GLY B 14 9.50 -7.73 -29.26
N ALA B 15 10.37 -6.78 -28.92
CA ALA B 15 11.28 -6.83 -27.76
C ALA B 15 10.58 -6.11 -26.60
N GLY B 16 9.36 -6.57 -26.28
CA GLY B 16 8.56 -5.96 -25.22
C GLY B 16 8.36 -6.87 -24.03
N SER B 17 7.34 -6.53 -23.21
CA SER B 17 7.14 -7.19 -21.91
C SER B 17 7.14 -8.71 -22.13
N GLY B 18 6.32 -9.19 -23.06
CA GLY B 18 6.16 -10.65 -23.24
C GLY B 18 7.30 -11.23 -24.04
N GLY B 19 7.68 -10.56 -25.13
CA GLY B 19 8.77 -11.00 -26.01
C GLY B 19 10.07 -11.14 -25.27
N LEU B 20 10.40 -10.21 -24.39
CA LEU B 20 11.71 -10.29 -23.68
C LEU B 20 11.65 -11.39 -22.62
N GLU B 21 10.54 -11.53 -21.90
CA GLU B 21 10.38 -12.63 -20.93
C GLU B 21 10.60 -13.96 -21.67
N ALA B 22 9.89 -14.17 -22.78
CA ALA B 22 9.96 -15.43 -23.56
C ALA B 22 11.41 -15.66 -24.02
N GLY B 23 12.00 -14.67 -24.70
CA GLY B 23 13.35 -14.76 -25.28
C GLY B 23 14.41 -15.03 -24.23
N TRP B 24 14.38 -14.30 -23.14
CA TRP B 24 15.38 -14.44 -22.06
C TRP B 24 15.23 -15.84 -21.46
N ASN B 25 14.00 -16.25 -21.19
CA ASN B 25 13.75 -17.57 -20.55
C ASN B 25 14.24 -18.66 -21.50
N ALA B 26 13.91 -18.56 -22.78
CA ALA B 26 14.26 -19.63 -23.72
C ALA B 26 15.79 -19.71 -23.81
N ALA B 27 16.50 -18.57 -23.86
CA ALA B 27 17.97 -18.53 -24.00
C ALA B 27 18.65 -18.99 -22.69
N THR B 28 18.17 -18.52 -21.54
CA THR B 28 18.90 -18.69 -20.27
C THR B 28 18.41 -19.94 -19.55
N LEU B 29 17.10 -20.22 -19.51
CA LEU B 29 16.60 -21.35 -18.69
C LEU B 29 16.69 -22.62 -19.53
N TYR B 30 16.52 -22.52 -20.86
CA TYR B 30 16.45 -23.73 -21.72
C TYR B 30 17.58 -23.78 -22.74
N GLY B 31 18.54 -22.84 -22.67
CA GLY B 31 19.75 -22.86 -23.52
C GLY B 31 19.41 -22.88 -25.01
N LYS B 32 18.33 -22.21 -25.44
CA LYS B 32 17.97 -22.12 -26.88
C LYS B 32 18.68 -20.92 -27.51
N ARG B 33 18.93 -20.96 -28.82
CA ARG B 33 19.51 -19.81 -29.57
C ARG B 33 18.32 -18.95 -30.01
N VAL B 34 18.31 -17.69 -29.58
CA VAL B 34 17.10 -16.84 -29.63
C VAL B 34 17.44 -15.54 -30.35
N ALA B 35 16.60 -15.17 -31.34
CA ALA B 35 16.64 -13.85 -32.00
C ALA B 35 15.41 -13.06 -31.54
N VAL B 36 15.59 -11.78 -31.25
CA VAL B 36 14.49 -10.86 -30.88
C VAL B 36 14.59 -9.63 -31.76
N VAL B 37 13.45 -9.22 -32.31
CA VAL B 37 13.37 -8.11 -33.29
C VAL B 37 12.53 -6.97 -32.72
N ASP B 38 13.03 -5.74 -32.81
CA ASP B 38 12.25 -4.52 -32.54
C ASP B 38 12.71 -3.40 -33.47
N VAL B 39 11.89 -2.36 -33.56
CA VAL B 39 11.97 -1.32 -34.61
C VAL B 39 12.85 -0.16 -34.14
N GLN B 40 13.19 -0.12 -32.86
CA GLN B 40 13.92 1.03 -32.25
C GLN B 40 14.67 0.55 -31.01
N THR B 41 15.82 1.15 -30.73
CA THR B 41 16.71 0.73 -29.63
C THR B 41 16.40 1.59 -28.42
N SER B 42 15.73 2.72 -28.59
CA SER B 42 15.39 3.62 -27.46
C SER B 42 14.09 4.34 -27.79
N HIS B 43 13.49 4.88 -26.72
CA HIS B 43 12.12 5.44 -26.69
C HIS B 43 11.93 6.61 -27.64
N GLY B 44 10.68 6.77 -28.06
CA GLY B 44 10.13 8.02 -28.59
C GLY B 44 9.98 8.01 -30.10
N PRO B 45 9.66 9.17 -30.67
CA PRO B 45 9.41 9.28 -32.11
C PRO B 45 10.61 8.79 -32.90
N PRO B 46 10.40 8.20 -34.10
CA PRO B 46 9.06 8.09 -34.69
C PRO B 46 8.17 6.91 -34.28
N PHE B 47 8.70 5.81 -33.72
CA PHE B 47 7.88 4.58 -33.51
C PHE B 47 7.43 4.41 -32.04
N TYR B 48 7.93 5.25 -31.13
CA TYR B 48 7.45 5.40 -29.72
C TYR B 48 7.87 4.19 -28.86
N ALA B 49 7.25 3.04 -29.06
CA ALA B 49 7.71 1.77 -28.45
C ALA B 49 9.05 1.40 -29.09
N ALA B 50 9.83 0.59 -28.39
CA ALA B 50 11.24 0.32 -28.73
C ALA B 50 11.65 -0.86 -27.90
N LEU B 51 12.92 -1.23 -27.97
CA LEU B 51 13.53 -2.20 -27.05
C LEU B 51 12.98 -1.96 -25.65
N GLY B 52 12.38 -2.97 -25.04
CA GLY B 52 11.77 -2.87 -23.70
C GLY B 52 10.26 -2.95 -23.78
N GLY B 53 9.68 -2.52 -24.90
CA GLY B 53 8.23 -2.61 -25.15
C GLY B 53 7.48 -1.34 -24.83
N THR B 54 6.16 -1.43 -24.85
CA THR B 54 5.27 -0.26 -24.70
C THR B 54 5.31 0.22 -23.26
N CYS B 55 5.29 -0.72 -22.34
CA CYS B 55 5.26 -0.42 -20.87
C CYS B 55 6.49 0.43 -20.52
N VAL B 56 7.67 -0.04 -20.93
CA VAL B 56 8.95 0.65 -20.63
C VAL B 56 8.94 2.04 -21.25
N ASN B 57 8.58 2.12 -22.52
CA ASN B 57 8.90 3.29 -23.36
C ASN B 57 7.77 4.32 -23.30
N VAL B 58 6.52 3.88 -23.45
CA VAL B 58 5.36 4.81 -23.59
C VAL B 58 4.16 4.18 -22.87
N GLY B 59 4.37 3.69 -21.64
CA GLY B 59 3.31 3.02 -20.89
C GLY B 59 3.56 3.06 -19.40
N CYS B 60 3.45 1.91 -18.75
CA CYS B 60 3.38 1.80 -17.26
C CYS B 60 4.51 2.64 -16.65
N VAL B 61 5.74 2.45 -17.15
CA VAL B 61 6.93 3.01 -16.45
C VAL B 61 6.86 4.52 -16.47
N PRO B 62 6.86 5.19 -17.65
CA PRO B 62 6.83 6.65 -17.66
C PRO B 62 5.51 7.21 -17.14
N LYS B 63 4.39 6.52 -17.36
CA LYS B 63 3.12 7.09 -16.89
C LYS B 63 3.17 7.10 -15.35
N LYS B 64 3.74 6.08 -14.71
CA LYS B 64 3.72 6.03 -13.23
C LYS B 64 4.59 7.16 -12.69
N LEU B 65 5.77 7.39 -13.28
CA LEU B 65 6.61 8.55 -12.90
C LEU B 65 5.84 9.86 -13.02
N MET B 66 5.10 10.05 -14.09
CA MET B 66 4.35 11.28 -14.33
C MET B 66 3.17 11.39 -13.35
N VAL B 67 2.47 10.31 -13.04
CA VAL B 67 1.41 10.38 -12.01
C VAL B 67 2.06 10.72 -10.67
N THR B 68 3.19 10.10 -10.35
CA THR B 68 3.89 10.42 -9.09
C THR B 68 4.15 11.94 -9.06
N GLY B 69 4.63 12.51 -10.14
CA GLY B 69 4.81 13.97 -10.31
C GLY B 69 3.50 14.72 -10.05
N ALA B 70 2.41 14.28 -10.68
CA ALA B 70 1.10 14.95 -10.56
C ALA B 70 0.64 14.91 -9.10
N GLN B 71 0.94 13.84 -8.37
CA GLN B 71 0.48 13.69 -6.97
C GLN B 71 1.03 14.86 -6.11
N TYR B 72 2.18 15.44 -6.45
CA TYR B 72 2.72 16.55 -5.63
C TYR B 72 1.79 17.77 -5.62
N MET B 73 0.92 17.95 -6.61
CA MET B 73 -0.04 19.07 -6.54
C MET B 73 -0.89 18.88 -5.29
N ASP B 74 -1.33 17.65 -5.07
CA ASP B 74 -2.16 17.33 -3.88
C ASP B 74 -1.28 17.43 -2.63
N HIS B 75 -0.06 16.89 -2.64
CA HIS B 75 0.77 16.87 -1.42
C HIS B 75 1.02 18.33 -0.99
N LEU B 76 1.43 19.18 -1.93
CA LEU B 76 1.76 20.61 -1.62
C LEU B 76 0.53 21.24 -0.98
N ARG B 77 -0.67 21.04 -1.55
CA ARG B 77 -1.90 21.67 -0.98
C ARG B 77 -2.22 21.05 0.40
N GLU B 78 -2.13 19.72 0.49
CA GLU B 78 -2.54 18.93 1.67
C GLU B 78 -1.59 19.21 2.85
N SER B 79 -0.33 19.55 2.57
CA SER B 79 0.70 19.81 3.60
C SER B 79 0.21 20.90 4.57
N ALA B 80 -0.58 21.84 4.08
CA ALA B 80 -1.03 22.99 4.88
C ALA B 80 -1.80 22.51 6.09
N GLY B 81 -2.68 21.49 5.96
CA GLY B 81 -3.51 21.00 7.06
C GLY B 81 -2.66 20.49 8.22
N PHE B 82 -1.44 20.02 7.91
CA PHE B 82 -0.43 19.48 8.87
C PHE B 82 0.55 20.58 9.28
N GLY B 83 0.22 21.83 8.94
CA GLY B 83 0.95 23.03 9.39
C GLY B 83 2.08 23.45 8.48
N TRP B 84 2.20 22.89 7.29
CA TRP B 84 3.30 23.31 6.40
C TRP B 84 2.90 24.66 5.78
N GLU B 85 3.89 25.55 5.69
CA GLU B 85 3.71 26.94 5.23
C GLU B 85 4.77 27.17 4.18
N PHE B 86 4.38 27.75 3.06
CA PHE B 86 5.38 28.26 2.10
C PHE B 86 4.64 29.22 1.19
N ASP B 87 5.37 29.88 0.32
CA ASP B 87 4.78 30.91 -0.56
C ASP B 87 4.07 30.19 -1.72
N GLY B 88 2.75 30.04 -1.63
CA GLY B 88 1.93 29.36 -2.65
C GLY B 88 2.09 30.00 -4.02
N SER B 89 2.30 31.30 -4.07
CA SER B 89 2.41 32.06 -5.33
C SER B 89 3.76 31.76 -5.98
N SER B 90 4.72 31.14 -5.28
CA SER B 90 6.01 30.77 -5.93
C SER B 90 5.92 29.39 -6.61
N VAL B 91 4.79 28.69 -6.49
CA VAL B 91 4.69 27.26 -6.89
C VAL B 91 4.54 27.20 -8.41
N LYS B 92 5.43 26.46 -9.05
CA LYS B 92 5.32 26.15 -10.51
C LYS B 92 5.51 24.65 -10.68
N ALA B 93 4.69 24.04 -11.54
CA ALA B 93 4.86 22.66 -12.02
C ALA B 93 5.65 22.72 -13.33
N ASN B 94 6.94 22.42 -13.24
CA ASN B 94 7.82 22.48 -14.43
C ASN B 94 7.76 21.14 -15.15
N TRP B 95 6.87 21.06 -16.11
CA TRP B 95 6.65 19.90 -17.01
C TRP B 95 7.94 19.55 -17.75
N LYS B 96 8.77 20.54 -18.07
CA LYS B 96 9.99 20.27 -18.89
C LYS B 96 10.88 19.37 -18.06
N LYS B 97 11.01 19.68 -16.75
CA LYS B 97 11.82 18.88 -15.81
C LYS B 97 11.23 17.48 -15.69
N LEU B 98 9.92 17.34 -15.51
CA LEU B 98 9.27 16.01 -15.46
C LEU B 98 9.65 15.20 -16.71
N ILE B 99 9.46 15.78 -17.89
CA ILE B 99 9.65 15.05 -19.17
C ILE B 99 11.12 14.67 -19.28
N ALA B 100 12.02 15.57 -18.90
CA ALA B 100 13.46 15.27 -18.98
C ALA B 100 13.80 14.13 -18.01
N ALA B 101 13.27 14.14 -16.79
CA ALA B 101 13.51 13.10 -15.78
C ALA B 101 12.97 11.76 -16.30
N LYS B 102 11.75 11.77 -16.84
CA LYS B 102 11.12 10.57 -17.43
C LYS B 102 11.99 10.02 -18.57
N ASN B 103 12.42 10.88 -19.47
CA ASN B 103 13.21 10.50 -20.66
C ASN B 103 14.52 9.81 -20.22
N GLU B 104 15.19 10.33 -19.21
CA GLU B 104 16.44 9.75 -18.70
C GLU B 104 16.18 8.37 -18.10
N ALA B 105 15.12 8.24 -17.30
CA ALA B 105 14.75 6.95 -16.70
C ALA B 105 14.47 5.91 -17.78
N VAL B 106 13.66 6.28 -18.77
CA VAL B 106 13.32 5.38 -19.91
C VAL B 106 14.59 5.04 -20.67
N LEU B 107 15.41 6.03 -21.00
CA LEU B 107 16.64 5.75 -21.78
C LEU B 107 17.56 4.83 -20.98
N ASP B 108 17.69 5.02 -19.68
CA ASP B 108 18.53 4.12 -18.86
C ASP B 108 18.05 2.69 -19.03
N ILE B 109 16.73 2.45 -19.00
CA ILE B 109 16.18 1.09 -19.17
C ILE B 109 16.54 0.60 -20.59
N ASN B 110 16.31 1.42 -21.60
CA ASN B 110 16.68 1.09 -23.01
C ASN B 110 18.14 0.61 -23.02
N LYS B 111 19.01 1.40 -22.43
CA LYS B 111 20.47 1.11 -22.38
C LYS B 111 20.69 -0.23 -21.70
N SER B 112 19.97 -0.55 -20.63
CA SER B 112 20.25 -1.76 -19.82
C SER B 112 19.82 -3.01 -20.63
N TYR B 113 18.74 -2.92 -21.38
CA TYR B 113 18.29 -3.98 -22.32
C TYR B 113 19.30 -4.17 -23.45
N GLU B 114 19.86 -3.09 -23.98
CA GLU B 114 20.97 -3.15 -24.95
C GLU B 114 22.13 -3.96 -24.35
N GLY B 115 22.51 -3.67 -23.10
CA GLY B 115 23.59 -4.36 -22.38
C GLY B 115 23.25 -5.82 -22.14
N MET B 116 21.99 -6.14 -21.80
CA MET B 116 21.47 -7.52 -21.60
C MET B 116 21.67 -8.37 -22.88
N PHE B 117 21.36 -7.84 -24.06
CA PHE B 117 21.58 -8.54 -25.36
C PHE B 117 23.08 -8.71 -25.60
N ASN B 118 23.87 -7.66 -25.34
CA ASN B 118 25.34 -7.69 -25.55
C ASN B 118 25.96 -8.80 -24.69
N ASP B 119 25.48 -8.96 -23.45
CA ASP B 119 26.14 -9.77 -22.38
C ASP B 119 25.53 -11.17 -22.28
N THR B 120 24.42 -11.47 -22.98
CA THR B 120 23.70 -12.77 -22.90
C THR B 120 23.93 -13.54 -24.20
N GLU B 121 24.77 -14.56 -24.14
CA GLU B 121 25.15 -15.37 -25.32
C GLU B 121 23.89 -16.14 -25.73
N GLY B 122 23.65 -16.25 -27.04
CA GLY B 122 22.52 -17.04 -27.56
C GLY B 122 21.22 -16.27 -27.46
N LEU B 123 21.28 -14.98 -27.13
CA LEU B 123 20.14 -14.04 -27.24
C LEU B 123 20.59 -12.85 -28.08
N ASP B 124 20.05 -12.70 -29.28
CA ASP B 124 20.55 -11.70 -30.26
C ASP B 124 19.42 -10.74 -30.59
N PHE B 125 19.76 -9.48 -30.71
CA PHE B 125 18.83 -8.41 -31.05
C PHE B 125 19.02 -8.05 -32.51
N PHE B 126 17.90 -7.91 -33.25
CA PHE B 126 17.92 -7.38 -34.63
C PHE B 126 17.02 -6.16 -34.67
N LEU B 127 17.58 -5.07 -35.17
CA LEU B 127 16.85 -3.82 -35.41
C LEU B 127 16.14 -3.85 -36.76
N GLY B 128 14.86 -3.52 -36.75
CA GLY B 128 14.05 -3.30 -37.94
C GLY B 128 12.67 -3.89 -37.78
N TRP B 129 11.98 -4.04 -38.91
CA TRP B 129 10.57 -4.47 -38.98
C TRP B 129 10.49 -5.96 -39.33
N GLY B 130 9.99 -6.76 -38.38
CA GLY B 130 9.88 -8.20 -38.47
C GLY B 130 8.56 -8.55 -39.12
N SER B 131 8.59 -9.48 -40.06
CA SER B 131 7.36 -10.05 -40.69
C SER B 131 7.64 -11.52 -41.04
N LEU B 132 6.55 -12.24 -41.32
CA LEU B 132 6.63 -13.67 -41.69
C LEU B 132 6.81 -13.78 -43.20
N GLU B 133 7.94 -14.34 -43.63
CA GLU B 133 8.19 -14.66 -45.05
C GLU B 133 7.58 -16.05 -45.29
N SER B 134 7.90 -16.99 -44.42
CA SER B 134 7.38 -18.39 -44.45
C SER B 134 7.24 -18.87 -42.99
N LYS B 135 6.72 -20.08 -42.77
CA LYS B 135 6.36 -20.56 -41.41
C LYS B 135 7.64 -20.77 -40.58
N ASN B 136 8.81 -20.84 -41.20
CA ASN B 136 10.11 -20.98 -40.48
C ASN B 136 11.06 -19.88 -40.89
N VAL B 137 10.57 -18.81 -41.49
CA VAL B 137 11.46 -17.66 -41.84
C VAL B 137 10.81 -16.34 -41.42
N VAL B 138 11.50 -15.62 -40.54
CA VAL B 138 11.17 -14.20 -40.25
C VAL B 138 12.08 -13.30 -41.06
N VAL B 139 11.49 -12.35 -41.77
CA VAL B 139 12.26 -11.33 -42.53
C VAL B 139 12.24 -10.04 -41.72
N VAL B 140 13.41 -9.44 -41.53
CA VAL B 140 13.61 -8.12 -40.89
C VAL B 140 13.90 -7.12 -41.99
N ARG B 141 13.06 -6.09 -42.10
CA ARG B 141 13.15 -5.07 -43.17
C ARG B 141 13.38 -3.68 -42.60
N GLU B 142 13.72 -2.76 -43.49
CA GLU B 142 14.12 -1.38 -43.14
C GLU B 142 12.95 -0.66 -42.52
N THR B 143 11.73 -0.84 -43.07
CA THR B 143 10.51 -0.10 -42.67
C THR B 143 9.33 -1.07 -42.57
N ALA B 144 8.17 -0.56 -42.18
CA ALA B 144 6.89 -1.31 -42.06
C ALA B 144 6.37 -1.71 -43.45
N ASP B 145 6.79 -0.99 -44.49
CA ASP B 145 6.49 -1.31 -45.92
C ASP B 145 7.18 -2.62 -46.29
N PRO B 146 6.44 -3.67 -46.72
CA PRO B 146 7.06 -4.97 -47.04
C PRO B 146 7.96 -4.95 -48.30
N LYS B 147 7.95 -3.86 -49.07
CA LYS B 147 8.84 -3.65 -50.23
C LYS B 147 10.16 -3.02 -49.75
N SER B 148 10.24 -2.55 -48.50
CA SER B 148 11.49 -1.93 -47.96
C SER B 148 12.62 -2.98 -47.98
N ALA B 149 13.87 -2.54 -47.87
CA ALA B 149 15.08 -3.41 -47.98
C ALA B 149 15.14 -4.46 -46.87
N VAL B 150 15.55 -5.68 -47.22
CA VAL B 150 15.77 -6.79 -46.27
C VAL B 150 17.08 -6.54 -45.53
N LYS B 151 17.06 -6.60 -44.19
CA LYS B 151 18.27 -6.47 -43.33
C LYS B 151 18.69 -7.88 -42.92
N GLU B 152 17.72 -8.73 -42.59
CA GLU B 152 18.00 -10.10 -42.12
C GLU B 152 16.92 -11.04 -42.63
N ARG B 153 17.27 -12.31 -42.79
CA ARG B 153 16.31 -13.42 -42.91
C ARG B 153 16.68 -14.47 -41.85
N LEU B 154 15.75 -14.72 -40.93
CA LEU B 154 15.99 -15.53 -39.72
C LEU B 154 15.22 -16.85 -39.86
N GLN B 155 15.97 -17.95 -39.94
CA GLN B 155 15.45 -19.34 -39.89
C GLN B 155 15.09 -19.60 -38.42
N ALA B 156 13.86 -20.05 -38.20
CA ALA B 156 13.22 -20.20 -36.90
C ALA B 156 12.51 -21.56 -36.86
N ASP B 157 12.94 -22.46 -36.00
CA ASP B 157 12.12 -23.64 -35.61
C ASP B 157 10.79 -23.10 -35.09
N HIS B 158 10.86 -22.10 -34.20
CA HIS B 158 9.68 -21.54 -33.49
C HIS B 158 9.68 -20.03 -33.65
N ILE B 159 8.48 -19.47 -33.85
CA ILE B 159 8.25 -18.00 -34.03
C ILE B 159 7.20 -17.54 -32.99
N LEU B 160 7.56 -16.51 -32.21
CA LEU B 160 6.65 -15.85 -31.25
C LEU B 160 6.26 -14.47 -31.81
N LEU B 161 4.98 -14.23 -31.94
CA LEU B 161 4.46 -12.89 -32.33
C LEU B 161 4.20 -12.13 -31.02
N ALA B 162 4.90 -11.03 -30.77
CA ALA B 162 4.76 -10.30 -29.48
C ALA B 162 4.90 -8.81 -29.79
N THR B 163 4.13 -8.31 -30.77
CA THR B 163 4.26 -6.94 -31.28
C THR B 163 3.34 -5.95 -30.54
N GLY B 164 2.56 -6.43 -29.57
CA GLY B 164 1.75 -5.54 -28.74
C GLY B 164 0.60 -4.91 -29.50
N SER B 165 0.15 -3.77 -29.00
CA SER B 165 -1.02 -3.04 -29.50
C SER B 165 -0.58 -1.63 -29.85
N TRP B 166 -1.54 -0.82 -30.29
CA TRP B 166 -1.32 0.51 -30.88
C TRP B 166 -2.58 1.33 -30.65
N PRO B 167 -2.49 2.65 -30.41
CA PRO B 167 -3.65 3.45 -30.08
C PRO B 167 -4.61 3.40 -31.27
N GLN B 168 -5.90 3.34 -30.95
CA GLN B 168 -7.00 3.46 -31.93
C GLN B 168 -7.32 4.94 -32.08
N MET B 169 -7.44 5.39 -33.33
CA MET B 169 -7.81 6.80 -33.64
C MET B 169 -9.10 6.75 -34.45
N PRO B 170 -10.19 7.41 -33.99
CA PRO B 170 -11.46 7.37 -34.70
C PRO B 170 -11.29 8.16 -36.00
N ALA B 171 -11.79 7.60 -37.11
CA ALA B 171 -11.86 8.22 -38.45
C ALA B 171 -12.89 9.36 -38.42
N ILE B 172 -12.51 10.49 -37.85
CA ILE B 172 -13.31 11.74 -37.79
C ILE B 172 -12.53 12.83 -38.51
N PRO B 173 -13.23 13.86 -39.02
CA PRO B 173 -12.59 15.05 -39.56
C PRO B 173 -11.74 15.75 -38.48
N GLY B 174 -10.48 16.01 -38.82
CA GLY B 174 -9.51 16.69 -37.95
C GLY B 174 -8.75 15.69 -37.08
N ILE B 175 -8.91 14.39 -37.32
CA ILE B 175 -8.15 13.34 -36.57
C ILE B 175 -6.67 13.73 -36.52
N GLU B 176 -6.12 14.25 -37.63
CA GLU B 176 -4.68 14.64 -37.78
C GLU B 176 -4.28 15.72 -36.75
N HIS B 177 -5.24 16.45 -36.15
CA HIS B 177 -5.02 17.55 -35.18
C HIS B 177 -5.00 17.01 -33.74
N CYS B 178 -5.26 15.71 -33.59
CA CYS B 178 -5.32 15.00 -32.29
C CYS B 178 -4.05 14.14 -32.15
N ILE B 179 -3.76 13.77 -30.91
CA ILE B 179 -2.61 12.88 -30.56
C ILE B 179 -3.15 11.67 -29.80
N SER B 180 -2.28 10.70 -29.55
CA SER B 180 -2.57 9.56 -28.63
C SER B 180 -1.68 9.69 -27.39
N SER B 181 -1.73 8.72 -26.51
CA SER B 181 -0.80 8.68 -25.34
C SER B 181 0.64 8.76 -25.84
N ASN B 182 0.95 8.19 -27.00
CA ASN B 182 2.33 8.12 -27.52
C ASN B 182 2.92 9.54 -27.54
N GLU B 183 2.19 10.49 -28.14
CA GLU B 183 2.66 11.88 -28.33
C GLU B 183 2.60 12.62 -26.99
N ALA B 184 1.63 12.29 -26.15
CA ALA B 184 1.45 12.96 -24.85
C ALA B 184 2.77 12.90 -24.05
N PHE B 185 3.45 11.78 -24.17
CA PHE B 185 4.72 11.53 -23.44
C PHE B 185 5.82 12.48 -23.90
N TYR B 186 5.60 13.20 -25.00
CA TYR B 186 6.65 14.03 -25.62
C TYR B 186 6.21 15.46 -25.86
N LEU B 187 5.04 15.87 -25.37
CA LEU B 187 4.61 17.30 -25.43
C LEU B 187 5.72 18.11 -24.76
N PRO B 188 6.26 19.12 -25.46
CA PRO B 188 7.40 19.87 -24.92
C PRO B 188 6.98 20.81 -23.79
N GLU B 189 5.73 21.23 -23.83
CA GLU B 189 5.07 22.15 -22.88
C GLU B 189 3.77 21.51 -22.39
N PRO B 190 3.37 21.77 -21.13
CA PRO B 190 2.12 21.26 -20.58
C PRO B 190 0.95 22.03 -21.17
N PRO B 191 -0.08 21.36 -21.71
CA PRO B 191 -1.22 22.09 -22.27
C PRO B 191 -2.01 22.83 -21.19
N ARG B 192 -2.38 24.08 -21.49
CA ARG B 192 -3.24 24.91 -20.61
C ARG B 192 -4.63 24.28 -20.56
N ARG B 193 -5.13 23.91 -21.72
CA ARG B 193 -6.45 23.26 -21.88
C ARG B 193 -6.22 21.97 -22.64
N VAL B 194 -6.76 20.86 -22.10
CA VAL B 194 -6.65 19.56 -22.80
C VAL B 194 -7.97 18.81 -22.62
N LEU B 195 -8.37 18.15 -23.70
CA LEU B 195 -9.46 17.16 -23.73
C LEU B 195 -8.82 15.78 -23.80
N THR B 196 -9.10 14.94 -22.80
CA THR B 196 -8.77 13.50 -22.91
C THR B 196 -10.06 12.84 -23.37
N VAL B 197 -9.99 12.11 -24.46
CA VAL B 197 -11.16 11.41 -25.07
C VAL B 197 -11.04 9.94 -24.71
N GLY B 198 -12.00 9.48 -23.89
CA GLY B 198 -12.11 8.08 -23.47
C GLY B 198 -12.33 8.01 -21.99
N GLY B 199 -12.98 6.93 -21.54
CA GLY B 199 -13.30 6.73 -20.13
C GLY B 199 -12.46 5.62 -19.51
N GLY B 200 -11.43 5.17 -20.20
CA GLY B 200 -10.53 4.08 -19.76
C GLY B 200 -9.41 4.58 -18.87
N PHE B 201 -8.54 3.69 -18.42
CA PHE B 201 -7.46 4.06 -17.48
C PHE B 201 -6.51 5.10 -18.11
N ILE B 202 -6.21 5.00 -19.40
CA ILE B 202 -5.19 5.90 -20.00
C ILE B 202 -5.74 7.31 -20.00
N SER B 203 -6.98 7.51 -20.46
CA SER B 203 -7.63 8.83 -20.42
C SER B 203 -7.69 9.38 -18.98
N VAL B 204 -8.11 8.57 -18.04
CA VAL B 204 -8.25 9.02 -16.64
C VAL B 204 -6.87 9.33 -16.06
N GLU B 205 -5.87 8.49 -16.34
CA GLU B 205 -4.53 8.69 -15.75
C GLU B 205 -3.94 9.97 -16.33
N PHE B 206 -4.04 10.16 -17.65
CA PHE B 206 -3.49 11.38 -18.28
C PHE B 206 -4.30 12.61 -17.87
N ALA B 207 -5.61 12.51 -17.63
CA ALA B 207 -6.38 13.67 -17.13
C ALA B 207 -5.74 14.11 -15.82
N GLY B 208 -5.35 13.16 -14.95
CA GLY B 208 -4.77 13.53 -13.65
C GLY B 208 -3.40 14.17 -13.84
N ILE B 209 -2.61 13.63 -14.79
CA ILE B 209 -1.23 14.15 -15.06
C ILE B 209 -1.32 15.59 -15.53
N PHE B 210 -2.14 15.83 -16.57
CA PHE B 210 -2.32 17.17 -17.18
C PHE B 210 -2.95 18.13 -16.16
N ASN B 211 -3.82 17.65 -15.29
CA ASN B 211 -4.48 18.53 -14.32
C ASN B 211 -3.42 19.12 -13.38
N ALA B 212 -2.38 18.35 -13.05
CA ALA B 212 -1.39 18.81 -12.04
C ALA B 212 -0.41 19.80 -12.68
N TYR B 213 -0.03 19.58 -13.94
CA TYR B 213 1.06 20.33 -14.62
C TYR B 213 0.48 21.48 -15.46
N LYS B 214 -0.85 21.61 -15.52
CA LYS B 214 -1.42 22.67 -16.38
C LYS B 214 -0.91 24.03 -15.89
N PRO B 215 -0.59 24.94 -16.81
CA PRO B 215 -0.20 26.30 -16.43
C PRO B 215 -1.37 27.05 -15.81
N PRO B 216 -1.10 28.22 -15.20
CA PRO B 216 -2.15 29.04 -14.57
C PRO B 216 -3.36 29.26 -15.49
N GLY B 217 -4.55 29.22 -14.89
CA GLY B 217 -5.84 29.35 -15.61
C GLY B 217 -6.09 28.20 -16.56
N GLY B 218 -5.48 27.04 -16.32
CA GLY B 218 -5.63 25.89 -17.25
C GLY B 218 -6.87 25.11 -16.91
N LYS B 219 -7.26 24.18 -17.79
CA LYS B 219 -8.46 23.34 -17.54
C LYS B 219 -8.30 22.00 -18.27
N VAL B 220 -8.54 20.92 -17.54
CA VAL B 220 -8.56 19.54 -18.08
C VAL B 220 -10.01 19.08 -18.16
N THR B 221 -10.36 18.61 -19.33
CA THR B 221 -11.67 18.02 -19.63
C THR B 221 -11.47 16.59 -20.15
N LEU B 222 -12.27 15.69 -19.59
CA LEU B 222 -12.35 14.28 -20.01
C LEU B 222 -13.73 14.04 -20.57
N CYS B 223 -13.81 13.48 -21.77
CA CYS B 223 -15.09 13.13 -22.40
C CYS B 223 -15.17 11.62 -22.61
N TYR B 224 -16.38 11.11 -22.40
CA TYR B 224 -16.69 9.67 -22.53
C TYR B 224 -18.09 9.51 -23.11
N ARG B 225 -18.24 8.66 -24.11
CA ARG B 225 -19.54 8.38 -24.81
C ARG B 225 -20.57 7.84 -23.81
N ASN B 226 -20.16 6.99 -22.88
CA ASN B 226 -21.13 6.28 -22.00
C ASN B 226 -21.37 7.16 -20.78
N ASN B 227 -22.26 6.71 -19.92
CA ASN B 227 -22.82 7.48 -18.80
C ASN B 227 -21.80 7.57 -17.65
N LEU B 228 -20.86 6.64 -17.51
CA LEU B 228 -20.00 6.55 -16.30
C LEU B 228 -18.64 6.00 -16.71
N ILE B 229 -17.57 6.74 -16.44
CA ILE B 229 -16.18 6.34 -16.83
C ILE B 229 -15.83 4.99 -16.21
N LEU B 230 -14.78 4.38 -16.76
CA LEU B 230 -14.08 3.19 -16.25
C LEU B 230 -15.03 1.99 -16.21
N ARG B 231 -15.71 1.71 -17.32
N ARG B 231 -15.71 1.72 -17.34
CA ARG B 231 -16.44 0.43 -17.46
CA ARG B 231 -16.36 0.41 -17.62
C ARG B 231 -15.46 -0.72 -17.23
C ARG B 231 -15.42 -0.72 -17.21
N GLY B 232 -15.94 -1.76 -16.54
CA GLY B 232 -15.16 -2.95 -16.19
C GLY B 232 -14.78 -2.89 -14.72
N PHE B 233 -14.77 -1.69 -14.17
CA PHE B 233 -14.43 -1.48 -12.74
C PHE B 233 -15.71 -1.52 -11.91
N ASP B 234 -15.50 -1.72 -10.62
CA ASP B 234 -16.58 -1.67 -9.61
C ASP B 234 -17.37 -0.37 -9.76
N GLU B 235 -18.70 -0.47 -9.72
CA GLU B 235 -19.56 0.71 -10.03
C GLU B 235 -19.46 1.79 -8.93
N THR B 236 -19.40 1.42 -7.66
CA THR B 236 -19.21 2.42 -6.57
C THR B 236 -17.93 3.21 -6.83
N ILE B 237 -16.87 2.53 -7.23
CA ILE B 237 -15.54 3.13 -7.48
C ILE B 237 -15.61 4.02 -8.72
N ARG B 238 -16.35 3.61 -9.75
CA ARG B 238 -16.54 4.44 -10.96
C ARG B 238 -17.18 5.77 -10.56
N GLU B 239 -18.22 5.71 -9.75
CA GLU B 239 -18.99 6.90 -9.31
C GLU B 239 -18.06 7.75 -8.45
N GLU B 240 -17.35 7.15 -7.51
CA GLU B 240 -16.51 7.91 -6.51
C GLU B 240 -15.31 8.54 -7.20
N VAL B 241 -14.69 7.82 -8.13
CA VAL B 241 -13.49 8.37 -8.82
C VAL B 241 -13.96 9.52 -9.73
N THR B 242 -15.12 9.42 -10.41
CA THR B 242 -15.74 10.58 -11.12
C THR B 242 -15.84 11.80 -10.18
N LYS B 243 -16.39 11.62 -8.97
CA LYS B 243 -16.56 12.71 -7.98
C LYS B 243 -15.21 13.29 -7.56
N GLN B 244 -14.21 12.43 -7.40
CA GLN B 244 -12.94 12.85 -6.80
C GLN B 244 -12.10 13.57 -7.86
N LEU B 245 -12.21 13.18 -9.11
CA LEU B 245 -11.60 13.92 -10.24
C LEU B 245 -12.23 15.30 -10.35
N THR B 246 -13.55 15.36 -10.38
CA THR B 246 -14.32 16.63 -10.43
C THR B 246 -13.88 17.52 -9.28
N ALA B 247 -13.78 16.98 -8.07
CA ALA B 247 -13.37 17.75 -6.87
C ALA B 247 -11.96 18.36 -7.08
N ASN B 248 -11.11 17.71 -7.87
CA ASN B 248 -9.74 18.23 -8.10
C ASN B 248 -9.70 19.08 -9.38
N GLY B 249 -10.86 19.45 -9.93
CA GLY B 249 -10.93 20.49 -10.99
C GLY B 249 -10.97 19.93 -12.39
N ILE B 250 -11.16 18.62 -12.55
CA ILE B 250 -11.29 17.98 -13.90
C ILE B 250 -12.78 17.98 -14.29
N GLU B 251 -13.07 18.46 -15.49
CA GLU B 251 -14.45 18.49 -16.06
C GLU B 251 -14.64 17.12 -16.74
N ILE B 252 -15.53 16.31 -16.18
CA ILE B 252 -15.92 14.98 -16.72
C ILE B 252 -17.16 15.21 -17.58
N MET B 253 -17.03 15.11 -18.90
CA MET B 253 -18.15 15.19 -19.87
C MET B 253 -18.62 13.80 -20.28
N THR B 254 -19.59 13.21 -19.58
CA THR B 254 -20.10 11.87 -19.93
C THR B 254 -21.21 12.03 -20.98
N ASN B 255 -21.49 10.96 -21.73
CA ASN B 255 -22.42 10.95 -22.88
C ASN B 255 -22.02 12.02 -23.88
N GLU B 256 -20.72 12.13 -24.18
CA GLU B 256 -20.17 13.13 -25.15
C GLU B 256 -19.03 12.48 -25.93
N ASN B 257 -18.97 12.76 -27.24
CA ASN B 257 -17.92 12.24 -28.12
C ASN B 257 -17.57 13.29 -29.16
N PRO B 258 -16.28 13.46 -29.56
CA PRO B 258 -15.92 14.40 -30.63
C PRO B 258 -16.49 13.94 -31.98
N ALA B 259 -17.18 14.85 -32.66
CA ALA B 259 -17.66 14.70 -34.06
C ALA B 259 -16.54 15.14 -35.00
N LYS B 260 -15.87 16.25 -34.66
CA LYS B 260 -14.69 16.73 -35.43
C LYS B 260 -13.88 17.77 -34.63
N VAL B 261 -12.69 18.01 -35.17
CA VAL B 261 -11.72 19.00 -34.65
C VAL B 261 -11.27 19.87 -35.84
N SER B 262 -11.26 21.18 -35.62
CA SER B 262 -10.63 22.17 -36.53
C SER B 262 -9.65 23.03 -35.73
N LEU B 263 -8.73 23.71 -36.43
CA LEU B 263 -7.79 24.70 -35.85
C LEU B 263 -8.43 26.07 -35.79
N ASN B 264 -8.63 26.61 -34.58
CA ASN B 264 -8.79 28.06 -34.33
C ASN B 264 -7.59 28.79 -34.97
N THR B 265 -7.72 30.09 -35.27
CA THR B 265 -6.72 30.83 -36.09
C THR B 265 -5.37 30.80 -35.37
N ASP B 266 -5.39 30.88 -34.04
CA ASP B 266 -4.20 30.84 -33.13
C ASP B 266 -3.61 29.43 -32.99
N GLY B 267 -4.11 28.43 -33.74
CA GLY B 267 -3.56 27.06 -33.77
C GLY B 267 -4.14 26.12 -32.71
N SER B 268 -4.90 26.63 -31.74
CA SER B 268 -5.62 25.82 -30.72
C SER B 268 -6.70 24.97 -31.39
N LYS B 269 -7.25 23.99 -30.68
CA LYS B 269 -8.15 22.98 -31.28
C LYS B 269 -9.59 23.30 -30.89
N HIS B 270 -10.41 23.45 -31.90
CA HIS B 270 -11.85 23.75 -31.76
C HIS B 270 -12.58 22.41 -31.76
N VAL B 271 -13.17 21.98 -30.65
CA VAL B 271 -13.77 20.63 -30.64
C VAL B 271 -15.28 20.80 -30.80
N THR B 272 -15.85 20.10 -31.78
CA THR B 272 -17.31 19.92 -31.92
C THR B 272 -17.68 18.48 -31.51
N PHE B 273 -18.47 18.37 -30.46
CA PHE B 273 -19.03 17.11 -29.91
C PHE B 273 -20.36 16.80 -30.61
N GLU B 274 -20.70 15.52 -30.72
CA GLU B 274 -21.98 15.01 -31.28
C GLU B 274 -23.16 15.80 -30.69
N SER B 275 -23.11 16.22 -29.42
CA SER B 275 -24.21 16.94 -28.72
C SER B 275 -24.35 18.39 -29.20
N GLY B 276 -23.47 18.87 -30.11
CA GLY B 276 -23.38 20.28 -30.52
C GLY B 276 -22.75 21.18 -29.46
N LYS B 277 -22.17 20.58 -28.41
CA LYS B 277 -21.28 21.32 -27.50
C LYS B 277 -19.98 21.60 -28.26
N THR B 278 -19.28 22.66 -27.84
CA THR B 278 -17.93 23.05 -28.37
C THR B 278 -17.01 23.23 -27.18
N LEU B 279 -15.74 23.00 -27.44
CA LEU B 279 -14.65 23.18 -26.46
C LEU B 279 -13.42 23.61 -27.24
N ASP B 280 -12.78 24.69 -26.79
CA ASP B 280 -11.46 25.09 -27.34
C ASP B 280 -10.39 24.54 -26.39
N VAL B 281 -9.44 23.78 -26.93
CA VAL B 281 -8.32 23.21 -26.13
C VAL B 281 -7.01 23.34 -26.91
N ASP B 282 -5.90 23.20 -26.20
CA ASP B 282 -4.52 23.22 -26.78
C ASP B 282 -4.19 21.80 -27.27
N VAL B 283 -4.68 20.78 -26.59
CA VAL B 283 -4.41 19.35 -26.96
C VAL B 283 -5.73 18.57 -26.88
N VAL B 284 -5.90 17.68 -27.84
CA VAL B 284 -6.91 16.59 -27.91
C VAL B 284 -6.16 15.27 -27.87
N MET B 285 -6.22 14.56 -26.74
CA MET B 285 -5.57 13.23 -26.60
C MET B 285 -6.64 12.14 -26.68
N MET B 286 -6.60 11.37 -27.78
CA MET B 286 -7.49 10.20 -28.00
C MET B 286 -6.95 9.02 -27.20
N ALA B 287 -7.75 8.51 -26.27
CA ALA B 287 -7.46 7.25 -25.53
C ALA B 287 -8.73 6.39 -25.51
N ILE B 288 -9.20 6.03 -26.71
CA ILE B 288 -10.50 5.31 -26.91
C ILE B 288 -10.28 3.83 -27.11
N GLY B 289 -9.04 3.36 -27.20
CA GLY B 289 -8.83 1.93 -27.41
C GLY B 289 -7.44 1.63 -27.90
N ARG B 290 -7.01 0.40 -27.71
CA ARG B 290 -5.73 -0.07 -28.25
C ARG B 290 -6.02 -1.31 -29.08
N ILE B 291 -5.43 -1.36 -30.27
CA ILE B 291 -5.68 -2.47 -31.21
C ILE B 291 -4.38 -3.26 -31.42
N PRO B 292 -4.51 -4.58 -31.59
CA PRO B 292 -3.38 -5.48 -31.77
C PRO B 292 -2.59 -5.08 -33.03
N ARG B 293 -1.26 -5.17 -32.97
CA ARG B 293 -0.39 -4.73 -34.09
C ARG B 293 -0.01 -5.91 -34.98
N THR B 294 -0.89 -6.24 -35.92
CA THR B 294 -0.73 -7.41 -36.81
C THR B 294 -0.57 -6.99 -38.28
N ASN B 295 -0.93 -5.77 -38.65
CA ASN B 295 -0.87 -5.31 -40.06
C ASN B 295 0.50 -5.56 -40.68
N ASP B 296 1.56 -5.24 -39.93
CA ASP B 296 2.94 -5.18 -40.48
C ASP B 296 3.55 -6.57 -40.52
N LEU B 297 2.92 -7.56 -39.90
CA LEU B 297 3.52 -8.90 -39.74
C LEU B 297 3.36 -9.74 -41.03
N GLN B 298 2.56 -9.31 -42.02
CA GLN B 298 2.35 -10.10 -43.29
C GLN B 298 1.94 -11.54 -42.95
N LEU B 299 1.02 -11.69 -42.01
CA LEU B 299 0.63 -13.02 -41.51
C LEU B 299 -0.06 -13.79 -42.64
N GLY B 300 -0.61 -13.12 -43.65
CA GLY B 300 -1.10 -13.79 -44.87
C GLY B 300 -0.04 -14.65 -45.55
N ASN B 301 1.25 -14.44 -45.30
CA ASN B 301 2.34 -15.27 -45.89
C ASN B 301 2.34 -16.67 -45.30
N VAL B 302 1.70 -16.88 -44.16
CA VAL B 302 1.78 -18.19 -43.46
C VAL B 302 0.37 -18.66 -43.06
N GLY B 303 -0.62 -17.78 -43.14
CA GLY B 303 -2.03 -18.15 -42.88
C GLY B 303 -2.32 -18.29 -41.39
N VAL B 304 -1.65 -17.49 -40.57
CA VAL B 304 -2.01 -17.38 -39.12
C VAL B 304 -3.40 -16.78 -39.00
N LYS B 305 -4.26 -17.41 -38.23
CA LYS B 305 -5.65 -16.97 -38.09
C LYS B 305 -5.73 -15.71 -37.22
N LEU B 306 -6.31 -14.63 -37.78
CA LEU B 306 -6.66 -13.41 -37.01
C LEU B 306 -8.16 -13.37 -36.73
N THR B 307 -8.57 -12.63 -35.71
CA THR B 307 -10.00 -12.27 -35.44
C THR B 307 -10.34 -11.11 -36.36
N PRO B 308 -11.64 -10.82 -36.62
CA PRO B 308 -12.01 -9.61 -37.36
C PRO B 308 -11.40 -8.30 -36.82
N LYS B 309 -11.32 -8.18 -35.48
CA LYS B 309 -10.59 -7.13 -34.70
C LYS B 309 -9.14 -6.95 -35.19
N GLY B 310 -8.46 -8.04 -35.56
CA GLY B 310 -7.04 -8.08 -35.97
C GLY B 310 -6.12 -8.68 -34.91
N GLY B 311 -6.68 -9.30 -33.87
CA GLY B 311 -5.86 -10.01 -32.87
C GLY B 311 -5.47 -11.38 -33.37
N VAL B 312 -4.34 -11.88 -32.91
CA VAL B 312 -3.96 -13.27 -33.27
C VAL B 312 -4.78 -14.21 -32.40
N GLN B 313 -5.50 -15.15 -33.01
CA GLN B 313 -6.27 -16.14 -32.25
C GLN B 313 -5.28 -17.13 -31.66
N VAL B 314 -5.45 -17.47 -30.40
CA VAL B 314 -4.56 -18.44 -29.71
C VAL B 314 -5.43 -19.38 -28.89
N ASP B 315 -4.91 -20.57 -28.66
CA ASP B 315 -5.46 -21.49 -27.64
C ASP B 315 -4.96 -20.98 -26.26
N GLU B 316 -5.27 -21.73 -25.21
CA GLU B 316 -4.91 -21.39 -23.81
C GLU B 316 -3.38 -21.44 -23.65
N PHE B 317 -2.68 -22.15 -24.52
CA PHE B 317 -1.20 -22.29 -24.48
C PHE B 317 -0.52 -21.32 -25.46
N SER B 318 -1.26 -20.32 -25.96
CA SER B 318 -0.68 -19.26 -26.82
C SER B 318 -0.29 -19.82 -28.21
N ARG B 319 -0.91 -20.93 -28.63
CA ARG B 319 -0.59 -21.55 -29.94
C ARG B 319 -1.53 -20.95 -31.00
N THR B 320 -0.97 -20.52 -32.12
CA THR B 320 -1.80 -20.12 -33.28
C THR B 320 -2.29 -21.41 -33.95
N ASN B 321 -2.99 -21.28 -35.06
CA ASN B 321 -3.42 -22.43 -35.91
C ASN B 321 -2.19 -22.99 -36.66
N VAL B 322 -1.07 -22.27 -36.68
CA VAL B 322 0.14 -22.74 -37.41
C VAL B 322 1.10 -23.32 -36.39
N PRO B 323 1.46 -24.63 -36.50
CA PRO B 323 2.38 -25.25 -35.55
C PRO B 323 3.70 -24.45 -35.55
N ASN B 324 4.31 -24.29 -34.39
CA ASN B 324 5.61 -23.57 -34.26
C ASN B 324 5.41 -22.05 -34.32
N ILE B 325 4.21 -21.51 -34.46
CA ILE B 325 4.02 -20.04 -34.36
C ILE B 325 3.04 -19.78 -33.21
N TYR B 326 3.45 -18.90 -32.32
CA TYR B 326 2.74 -18.60 -31.06
C TYR B 326 2.56 -17.09 -30.97
N ALA B 327 1.65 -16.65 -30.12
CA ALA B 327 1.41 -15.21 -29.90
C ALA B 327 1.13 -15.03 -28.43
N ILE B 328 1.75 -14.02 -27.85
CA ILE B 328 1.43 -13.66 -26.44
C ILE B 328 1.27 -12.15 -26.34
N GLY B 329 0.70 -11.70 -25.24
CA GLY B 329 0.57 -10.27 -24.91
C GLY B 329 -0.55 -9.63 -25.68
N ASP B 330 -0.47 -8.32 -25.81
CA ASP B 330 -1.58 -7.49 -26.29
C ASP B 330 -1.99 -7.96 -27.70
N ILE B 331 -1.07 -8.46 -28.52
CA ILE B 331 -1.41 -8.90 -29.91
C ILE B 331 -2.55 -9.92 -29.85
N THR B 332 -2.77 -10.57 -28.70
CA THR B 332 -3.85 -11.58 -28.52
C THR B 332 -5.15 -10.92 -28.09
N ASP B 333 -5.13 -9.62 -27.83
CA ASP B 333 -6.32 -8.77 -27.56
C ASP B 333 -7.17 -9.39 -26.45
N ARG B 334 -6.54 -9.77 -25.37
CA ARG B 334 -7.25 -10.30 -24.18
C ARG B 334 -7.06 -9.29 -23.05
N LEU B 335 -6.20 -9.60 -22.07
CA LEU B 335 -5.89 -8.70 -20.94
C LEU B 335 -4.60 -7.93 -21.25
N MET B 336 -4.71 -6.63 -21.57
CA MET B 336 -3.56 -5.83 -22.04
C MET B 336 -2.84 -5.27 -20.81
N LEU B 337 -2.09 -6.15 -20.14
CA LEU B 337 -1.27 -5.81 -18.94
C LEU B 337 0.13 -6.39 -19.16
N THR B 338 1.13 -5.68 -18.67
CA THR B 338 2.53 -6.12 -18.77
C THR B 338 2.71 -7.46 -18.05
N PRO B 339 2.26 -7.62 -16.78
CA PRO B 339 2.54 -8.86 -16.06
C PRO B 339 1.84 -10.06 -16.72
N VAL B 340 0.72 -9.81 -17.38
CA VAL B 340 0.03 -10.91 -18.11
C VAL B 340 0.86 -11.33 -19.33
N ALA B 341 1.31 -10.37 -20.14
CA ALA B 341 2.21 -10.66 -21.28
C ALA B 341 3.42 -11.44 -20.79
N ILE B 342 4.01 -11.03 -19.66
CA ILE B 342 5.22 -11.68 -19.11
C ILE B 342 4.84 -13.13 -18.71
N ASN B 343 3.72 -13.29 -18.03
CA ASN B 343 3.30 -14.62 -17.55
C ASN B 343 3.06 -15.51 -18.77
N GLU B 344 2.39 -15.00 -19.81
CA GLU B 344 2.08 -15.80 -21.02
C GLU B 344 3.39 -16.24 -21.70
N GLY B 345 4.38 -15.37 -21.78
CA GLY B 345 5.69 -15.67 -22.39
C GLY B 345 6.44 -16.75 -21.64
N ALA B 346 6.46 -16.64 -20.32
CA ALA B 346 7.13 -17.65 -19.47
C ALA B 346 6.39 -18.99 -19.61
N ALA B 347 5.05 -18.98 -19.64
CA ALA B 347 4.23 -20.21 -19.70
C ALA B 347 4.44 -20.87 -21.07
N LEU B 348 4.57 -20.06 -22.12
CA LEU B 348 4.80 -20.57 -23.50
C LEU B 348 6.15 -21.28 -23.55
N VAL B 349 7.22 -20.62 -23.13
CA VAL B 349 8.59 -21.19 -23.17
C VAL B 349 8.67 -22.43 -22.27
N ASP B 350 8.06 -22.41 -21.08
CA ASP B 350 8.05 -23.59 -20.19
C ASP B 350 7.39 -24.75 -20.95
N THR B 351 6.26 -24.49 -21.59
CA THR B 351 5.45 -25.51 -22.29
C THR B 351 6.25 -26.08 -23.46
N VAL B 352 6.74 -25.20 -24.34
CA VAL B 352 7.33 -25.57 -25.65
C VAL B 352 8.73 -26.11 -25.44
N PHE B 353 9.59 -25.39 -24.71
CA PHE B 353 11.02 -25.76 -24.59
C PHE B 353 11.28 -26.56 -23.30
N GLY B 354 10.44 -26.47 -22.26
CA GLY B 354 10.67 -27.22 -21.03
C GLY B 354 9.82 -28.49 -20.93
N ASN B 355 8.88 -28.71 -21.86
CA ASN B 355 7.82 -29.74 -21.72
C ASN B 355 7.27 -29.69 -20.28
N LYS B 356 6.98 -28.49 -19.80
CA LYS B 356 6.40 -28.22 -18.47
C LYS B 356 5.10 -27.49 -18.73
N PRO B 357 4.06 -28.25 -19.12
CA PRO B 357 2.86 -27.65 -19.68
C PRO B 357 2.22 -26.70 -18.67
N ARG B 358 2.06 -25.45 -19.08
CA ARG B 358 1.45 -24.40 -18.23
C ARG B 358 0.73 -23.38 -19.12
N LYS B 359 -0.43 -22.96 -18.65
CA LYS B 359 -1.22 -21.90 -19.31
C LYS B 359 -1.46 -20.80 -18.28
N THR B 360 -1.49 -19.57 -18.76
CA THR B 360 -1.68 -18.38 -17.91
C THR B 360 -3.12 -18.36 -17.42
N ASP B 361 -3.31 -18.11 -16.14
CA ASP B 361 -4.67 -17.89 -15.58
C ASP B 361 -5.00 -16.41 -15.78
N HIS B 362 -5.98 -16.09 -16.63
CA HIS B 362 -6.40 -14.69 -16.90
C HIS B 362 -7.49 -14.26 -15.90
N THR B 363 -7.88 -15.14 -14.99
CA THR B 363 -8.83 -14.79 -13.91
C THR B 363 -8.00 -14.30 -12.71
N ARG B 364 -8.62 -13.45 -11.90
CA ARG B 364 -8.12 -13.07 -10.54
C ARG B 364 -6.75 -12.39 -10.67
N VAL B 365 -6.59 -11.67 -11.76
CA VAL B 365 -5.38 -10.87 -12.05
C VAL B 365 -5.57 -9.52 -11.34
N ALA B 366 -4.69 -9.24 -10.38
CA ALA B 366 -4.66 -7.93 -9.69
C ALA B 366 -4.18 -6.88 -10.70
N SER B 367 -4.84 -5.73 -10.70
CA SER B 367 -4.52 -4.61 -11.58
C SER B 367 -4.82 -3.31 -10.85
N ALA B 368 -4.38 -2.20 -11.44
CA ALA B 368 -4.48 -0.89 -10.81
C ALA B 368 -4.78 0.16 -11.88
N VAL B 369 -5.36 1.24 -11.41
CA VAL B 369 -5.47 2.49 -12.20
C VAL B 369 -4.77 3.58 -11.39
N PHE B 370 -3.79 4.22 -12.01
CA PHE B 370 -3.02 5.27 -11.30
C PHE B 370 -3.73 6.59 -11.52
N SER B 371 -5.02 6.58 -11.23
CA SER B 371 -5.81 7.81 -11.09
C SER B 371 -5.34 8.48 -9.79
N ILE B 372 -5.86 9.66 -9.56
CA ILE B 372 -5.63 10.40 -8.30
C ILE B 372 -7.03 10.67 -7.76
N PRO B 373 -7.43 9.92 -6.71
CA PRO B 373 -6.64 8.82 -6.17
C PRO B 373 -6.77 7.52 -6.95
N PRO B 374 -5.91 6.51 -6.65
CA PRO B 374 -5.82 5.32 -7.49
C PRO B 374 -6.79 4.20 -7.12
N ILE B 375 -6.90 3.24 -8.02
CA ILE B 375 -7.76 2.04 -7.90
C ILE B 375 -6.87 0.82 -7.83
N GLY B 376 -7.21 -0.13 -6.98
CA GLY B 376 -6.60 -1.47 -7.02
C GLY B 376 -7.74 -2.45 -7.03
N THR B 377 -7.65 -3.46 -7.87
CA THR B 377 -8.77 -4.42 -8.05
C THR B 377 -8.20 -5.79 -8.35
N CYS B 378 -8.96 -6.82 -7.99
CA CYS B 378 -8.65 -8.20 -8.34
C CYS B 378 -9.94 -9.00 -8.35
N GLY B 379 -10.22 -9.69 -9.45
CA GLY B 379 -11.37 -10.58 -9.59
C GLY B 379 -12.61 -9.84 -10.01
N LEU B 380 -13.77 -10.44 -9.73
CA LEU B 380 -15.05 -10.09 -10.38
C LEU B 380 -15.69 -8.88 -9.70
N ILE B 381 -16.27 -8.01 -10.49
CA ILE B 381 -17.24 -6.99 -10.00
C ILE B 381 -18.57 -7.69 -9.74
N GLU B 382 -19.35 -7.12 -8.87
CA GLU B 382 -20.55 -7.79 -8.30
C GLU B 382 -21.57 -8.11 -9.41
N GLU B 383 -21.76 -7.22 -10.40
CA GLU B 383 -22.74 -7.42 -11.50
C GLU B 383 -22.34 -8.67 -12.27
N VAL B 384 -21.04 -8.88 -12.48
CA VAL B 384 -20.53 -10.08 -13.20
C VAL B 384 -20.77 -11.29 -12.29
N ALA B 385 -20.38 -11.20 -11.01
CA ALA B 385 -20.48 -12.32 -10.05
C ALA B 385 -21.93 -12.80 -9.95
N ALA B 386 -22.88 -11.87 -9.96
CA ALA B 386 -24.31 -12.10 -9.67
C ALA B 386 -24.94 -12.93 -10.81
N LYS B 387 -24.35 -12.89 -12.01
CA LYS B 387 -24.81 -13.65 -13.19
C LYS B 387 -24.28 -15.09 -13.12
N GLU B 388 -23.20 -15.35 -12.39
CA GLU B 388 -22.52 -16.68 -12.36
C GLU B 388 -22.79 -17.41 -11.04
N PHE B 389 -23.26 -16.72 -9.99
CA PHE B 389 -23.43 -17.30 -8.64
C PHE B 389 -24.82 -16.96 -8.14
N GLU B 390 -25.50 -17.95 -7.57
CA GLU B 390 -26.92 -17.83 -7.14
C GLU B 390 -27.02 -16.73 -6.09
N LYS B 391 -26.11 -16.77 -5.11
CA LYS B 391 -26.08 -15.80 -3.98
C LYS B 391 -24.71 -15.13 -3.95
N VAL B 392 -24.71 -13.81 -4.04
CA VAL B 392 -23.46 -12.98 -3.94
C VAL B 392 -23.62 -11.99 -2.79
N ALA B 393 -22.61 -11.88 -1.92
CA ALA B 393 -22.60 -10.88 -0.83
C ALA B 393 -21.60 -9.80 -1.20
N VAL B 394 -21.95 -8.55 -0.91
CA VAL B 394 -21.03 -7.38 -1.03
C VAL B 394 -20.75 -6.84 0.38
N TYR B 395 -19.48 -6.81 0.75
CA TYR B 395 -18.96 -6.20 1.98
C TYR B 395 -18.37 -4.87 1.56
N MET B 396 -18.92 -3.75 2.01
CA MET B 396 -18.45 -2.43 1.55
C MET B 396 -18.16 -1.53 2.75
N SER B 397 -17.04 -0.83 2.69
CA SER B 397 -16.67 0.24 3.65
C SER B 397 -16.25 1.44 2.81
N SER B 398 -16.86 2.59 3.04
CA SER B 398 -16.59 3.83 2.27
C SER B 398 -16.65 5.00 3.24
N PHE B 399 -15.54 5.74 3.36
CA PHE B 399 -15.36 6.81 4.38
C PHE B 399 -14.17 7.67 3.94
N THR B 400 -14.28 8.99 4.04
CA THR B 400 -13.11 9.90 4.04
C THR B 400 -12.18 9.50 5.18
N PRO B 401 -10.94 8.99 4.93
CA PRO B 401 -10.03 8.67 6.03
C PRO B 401 -9.72 9.96 6.79
N LEU B 402 -9.23 9.80 8.01
CA LEU B 402 -9.00 10.89 8.98
C LEU B 402 -7.92 11.83 8.46
N MET B 403 -6.76 11.31 8.02
CA MET B 403 -5.68 12.17 7.43
C MET B 403 -6.34 13.14 6.46
N HIS B 404 -7.43 12.78 5.77
CA HIS B 404 -8.03 13.67 4.72
C HIS B 404 -9.13 14.62 5.24
N ASN B 405 -9.60 14.47 6.46
CA ASN B 405 -10.35 15.56 7.13
C ASN B 405 -9.35 16.71 7.31
N ILE B 406 -8.24 16.43 8.04
CA ILE B 406 -7.14 17.40 8.36
C ILE B 406 -6.49 17.98 7.08
N SER B 407 -6.25 17.15 6.05
CA SER B 407 -5.53 17.57 4.82
C SER B 407 -6.33 18.63 4.06
N GLY B 408 -7.65 18.62 4.23
CA GLY B 408 -8.61 19.46 3.48
C GLY B 408 -9.16 18.77 2.23
N SER B 409 -8.69 17.58 1.88
CA SER B 409 -9.27 16.77 0.76
C SER B 409 -10.38 15.86 1.31
N LYS B 410 -11.47 16.44 1.81
CA LYS B 410 -12.54 15.70 2.51
C LYS B 410 -13.27 14.81 1.50
N TYR B 411 -13.17 15.13 0.22
CA TYR B 411 -13.76 14.36 -0.90
C TYR B 411 -13.06 13.01 -1.12
N LYS B 412 -11.89 12.78 -0.55
CA LYS B 412 -11.09 11.57 -0.88
C LYS B 412 -11.59 10.41 -0.03
N LYS B 413 -12.77 9.87 -0.34
CA LYS B 413 -13.29 8.67 0.34
C LYS B 413 -12.46 7.48 -0.15
N PHE B 414 -12.00 6.64 0.79
CA PHE B 414 -11.44 5.30 0.53
C PHE B 414 -12.62 4.34 0.39
N VAL B 415 -12.67 3.59 -0.71
CA VAL B 415 -13.71 2.55 -0.91
C VAL B 415 -13.00 1.21 -0.83
N ALA B 416 -13.49 0.30 0.02
CA ALA B 416 -13.02 -1.10 0.05
C ALA B 416 -14.24 -2.00 -0.08
N LYS B 417 -14.25 -2.87 -1.08
CA LYS B 417 -15.41 -3.75 -1.34
C LYS B 417 -14.91 -5.16 -1.60
N ILE B 418 -15.53 -6.11 -0.93
CA ILE B 418 -15.24 -7.56 -1.11
C ILE B 418 -16.55 -8.16 -1.60
N VAL B 419 -16.48 -8.85 -2.74
CA VAL B 419 -17.58 -9.61 -3.38
C VAL B 419 -17.35 -11.08 -3.10
N THR B 420 -18.35 -11.78 -2.54
CA THR B 420 -18.20 -13.22 -2.23
C THR B 420 -19.29 -14.02 -2.91
N ASN B 421 -18.97 -15.29 -3.14
CA ASN B 421 -19.94 -16.40 -3.22
C ASN B 421 -20.52 -16.63 -1.82
N HIS B 422 -21.73 -16.12 -1.56
CA HIS B 422 -22.34 -16.17 -0.20
C HIS B 422 -22.66 -17.62 0.21
N SER B 423 -22.73 -18.55 -0.75
CA SER B 423 -22.94 -19.99 -0.49
C SER B 423 -21.78 -20.54 0.33
N ASP B 424 -20.53 -20.17 0.05
CA ASP B 424 -19.39 -20.74 0.81
C ASP B 424 -18.44 -19.68 1.37
N GLY B 425 -18.67 -18.40 1.12
CA GLY B 425 -17.80 -17.32 1.63
C GLY B 425 -16.63 -17.00 0.72
N THR B 426 -16.44 -17.75 -0.38
CA THR B 426 -15.26 -17.60 -1.27
C THR B 426 -15.25 -16.17 -1.83
N VAL B 427 -14.11 -15.48 -1.70
CA VAL B 427 -13.94 -14.10 -2.26
C VAL B 427 -13.80 -14.20 -3.79
N LEU B 428 -14.69 -13.55 -4.51
CA LEU B 428 -14.72 -13.50 -6.00
C LEU B 428 -13.99 -12.27 -6.50
N GLY B 429 -14.01 -11.19 -5.71
CA GLY B 429 -13.49 -9.89 -6.12
C GLY B 429 -13.24 -8.95 -4.97
N VAL B 430 -12.20 -8.13 -5.12
CA VAL B 430 -11.81 -7.13 -4.10
C VAL B 430 -11.49 -5.85 -4.87
N HIS B 431 -12.11 -4.75 -4.49
CA HIS B 431 -12.06 -3.48 -5.27
C HIS B 431 -11.77 -2.37 -4.27
N LEU B 432 -10.71 -1.61 -4.54
CA LEU B 432 -10.20 -0.54 -3.66
C LEU B 432 -10.08 0.76 -4.45
N LEU B 433 -10.46 1.85 -3.79
CA LEU B 433 -10.22 3.21 -4.28
C LEU B 433 -9.64 3.99 -3.11
N GLY B 434 -8.48 4.59 -3.36
CA GLY B 434 -7.83 5.47 -2.38
C GLY B 434 -6.32 5.28 -2.38
N ASP B 435 -5.63 6.19 -1.71
CA ASP B 435 -4.14 6.18 -1.73
C ASP B 435 -3.73 4.80 -1.26
N GLY B 436 -2.74 4.18 -1.89
CA GLY B 436 -2.25 2.86 -1.47
C GLY B 436 -2.92 1.69 -2.17
N ALA B 437 -4.06 1.90 -2.82
CA ALA B 437 -4.88 0.79 -3.38
C ALA B 437 -4.04 -0.15 -4.26
N PRO B 438 -3.20 0.33 -5.22
CA PRO B 438 -2.40 -0.56 -6.06
C PRO B 438 -1.42 -1.44 -5.27
N GLU B 439 -0.90 -0.93 -4.16
CA GLU B 439 0.03 -1.65 -3.25
C GLU B 439 -0.75 -2.62 -2.37
N ILE B 440 -1.97 -2.27 -1.96
CA ILE B 440 -2.76 -3.14 -1.07
C ILE B 440 -3.15 -4.38 -1.85
N ILE B 441 -3.55 -4.22 -3.11
CA ILE B 441 -4.28 -5.28 -3.88
C ILE B 441 -3.32 -6.40 -4.27
N GLN B 442 -2.01 -6.18 -4.29
CA GLN B 442 -1.05 -7.21 -4.77
C GLN B 442 -1.23 -8.50 -3.98
N ALA B 443 -1.13 -8.44 -2.65
CA ALA B 443 -1.16 -9.64 -1.80
C ALA B 443 -2.59 -10.20 -1.80
N VAL B 444 -3.58 -9.39 -2.17
CA VAL B 444 -4.98 -9.85 -2.32
C VAL B 444 -5.04 -10.82 -3.50
N GLY B 445 -4.26 -10.53 -4.54
CA GLY B 445 -4.11 -11.48 -5.66
C GLY B 445 -3.69 -12.85 -5.16
N VAL B 446 -2.74 -12.88 -4.22
CA VAL B 446 -2.23 -14.16 -3.65
C VAL B 446 -3.37 -14.81 -2.86
N CYS B 447 -4.17 -14.01 -2.16
CA CYS B 447 -5.33 -14.52 -1.36
C CYS B 447 -6.29 -15.28 -2.27
N LEU B 448 -6.65 -14.67 -3.39
CA LEU B 448 -7.66 -15.20 -4.32
C LEU B 448 -7.12 -16.45 -5.01
N ARG B 449 -5.81 -16.52 -5.29
CA ARG B 449 -5.18 -17.78 -5.77
C ARG B 449 -5.41 -18.90 -4.74
N LEU B 450 -5.44 -18.58 -3.45
CA LEU B 450 -5.55 -19.58 -2.35
C LEU B 450 -7.01 -19.76 -1.94
N ASN B 451 -7.95 -19.28 -2.75
CA ASN B 451 -9.41 -19.41 -2.54
C ASN B 451 -9.78 -18.88 -1.15
N ALA B 452 -9.20 -17.75 -0.75
CA ALA B 452 -9.56 -17.06 0.51
C ALA B 452 -11.06 -16.85 0.56
N LYS B 453 -11.61 -17.04 1.75
CA LYS B 453 -13.00 -16.73 2.11
C LYS B 453 -13.03 -15.42 2.90
N ILE B 454 -14.18 -14.77 2.97
CA ILE B 454 -14.40 -13.55 3.80
C ILE B 454 -13.96 -13.83 5.23
N SER B 455 -14.18 -15.03 5.75
CA SER B 455 -13.75 -15.41 7.11
C SER B 455 -12.22 -15.34 7.21
N ASP B 456 -11.50 -15.69 6.15
CA ASP B 456 -10.02 -15.58 6.14
C ASP B 456 -9.61 -14.11 6.25
N PHE B 457 -10.31 -13.21 5.58
CA PHE B 457 -10.05 -11.75 5.74
C PHE B 457 -10.39 -11.26 7.16
N TYR B 458 -11.59 -11.53 7.67
N TYR B 458 -11.61 -11.49 7.63
CA TYR B 458 -12.06 -10.87 8.92
CA TYR B 458 -12.11 -10.94 8.92
C TYR B 458 -11.43 -11.54 10.16
C TYR B 458 -11.24 -11.46 10.07
N ASN B 459 -10.89 -12.75 10.03
CA ASN B 459 -10.14 -13.39 11.15
C ASN B 459 -8.67 -12.99 11.12
N THR B 460 -8.18 -12.39 10.04
CA THR B 460 -6.81 -11.85 10.05
C THR B 460 -6.78 -10.58 10.91
N ILE B 461 -5.78 -10.48 11.73
CA ILE B 461 -5.57 -9.28 12.57
C ILE B 461 -5.13 -8.09 11.70
N GLY B 462 -5.85 -6.98 11.83
CA GLY B 462 -5.56 -5.71 11.14
C GLY B 462 -4.16 -5.18 11.45
N VAL B 463 -3.59 -4.45 10.50
CA VAL B 463 -2.47 -3.50 10.72
C VAL B 463 -3.08 -2.12 10.88
N HIS B 464 -2.77 -1.45 11.96
CA HIS B 464 -3.46 -0.20 12.29
C HIS B 464 -2.44 0.85 12.66
N PRO B 465 -2.61 2.10 12.19
CA PRO B 465 -3.68 2.47 11.26
C PRO B 465 -3.27 2.37 9.79
N THR B 466 -4.10 1.69 9.00
CA THR B 466 -3.93 1.57 7.55
C THR B 466 -5.31 1.71 6.90
N SER B 467 -5.32 2.01 5.62
CA SER B 467 -6.56 1.82 4.80
C SER B 467 -6.79 0.31 4.60
N ALA B 468 -5.74 -0.47 4.40
CA ALA B 468 -5.85 -1.91 4.08
C ALA B 468 -6.64 -2.64 5.18
N GLU B 469 -6.47 -2.28 6.45
CA GLU B 469 -7.15 -3.01 7.56
C GLU B 469 -8.65 -3.02 7.36
N GLU B 470 -9.22 -2.13 6.54
CA GLU B 470 -10.69 -2.17 6.26
C GLU B 470 -11.06 -3.56 5.72
N LEU B 471 -10.17 -4.18 4.98
CA LEU B 471 -10.43 -5.48 4.31
C LEU B 471 -10.63 -6.56 5.36
N CYS B 472 -10.04 -6.39 6.55
CA CYS B 472 -10.00 -7.41 7.62
C CYS B 472 -10.98 -7.04 8.75
N SER B 473 -11.83 -6.04 8.51
CA SER B 473 -12.74 -5.46 9.52
C SER B 473 -14.22 -5.66 9.14
N MET B 474 -14.52 -6.34 8.04
CA MET B 474 -15.91 -6.50 7.54
C MET B 474 -16.40 -7.94 7.80
N ARG B 475 -17.33 -8.01 8.75
CA ARG B 475 -17.96 -9.21 9.39
C ARG B 475 -19.26 -9.51 8.65
N THR B 476 -19.97 -8.46 8.21
CA THR B 476 -21.40 -8.49 7.79
C THR B 476 -21.60 -7.89 6.40
N PRO B 477 -22.29 -8.59 5.47
CA PRO B 477 -22.61 -8.03 4.16
C PRO B 477 -23.35 -6.69 4.25
N SER B 478 -23.05 -5.77 3.33
CA SER B 478 -23.76 -4.50 3.10
C SER B 478 -25.05 -4.78 2.35
N TYR B 479 -25.00 -5.65 1.34
CA TYR B 479 -26.16 -6.07 0.53
C TYR B 479 -25.82 -7.37 -0.21
N TYR B 480 -26.80 -7.90 -0.92
CA TYR B 480 -26.72 -9.19 -1.64
C TYR B 480 -27.27 -9.03 -3.05
N TYR B 481 -26.90 -9.98 -3.89
CA TYR B 481 -27.59 -10.38 -5.14
C TYR B 481 -28.02 -11.83 -4.98
N VAL B 482 -29.30 -12.05 -5.21
CA VAL B 482 -29.91 -13.41 -5.15
C VAL B 482 -30.48 -13.65 -6.55
N LYS B 483 -29.97 -14.67 -7.27
CA LYS B 483 -30.32 -14.98 -8.68
C LYS B 483 -30.30 -13.70 -9.52
N GLY B 484 -29.22 -12.91 -9.44
CA GLY B 484 -29.01 -11.66 -10.23
C GLY B 484 -29.74 -10.44 -9.67
N GLU B 485 -30.49 -10.56 -8.57
CA GLU B 485 -31.29 -9.42 -8.05
C GLU B 485 -30.67 -8.87 -6.76
N LYS B 486 -30.46 -7.56 -6.74
CA LYS B 486 -29.89 -6.84 -5.57
C LYS B 486 -30.95 -6.76 -4.47
N MET B 487 -30.55 -7.03 -3.23
CA MET B 487 -31.40 -6.94 -2.01
C MET B 487 -30.64 -6.15 -0.95
N GLU B 488 -31.14 -5.00 -0.31
CA GLU B 488 -30.62 -4.68 1.04
C GLU B 488 -30.92 -5.84 2.00
#